data_7FFI
#
_entry.id   7FFI
#
_cell.length_a   147.245
_cell.length_b   65.137
_cell.length_c   108.628
_cell.angle_alpha   90.000
_cell.angle_beta   128.234
_cell.angle_gamma   90.000
#
_symmetry.space_group_name_H-M   'C 1 2 1'
#
loop_
_entity.id
_entity.type
_entity.pdbx_description
1 polymer 'Type III polyketide synthase'
2 water water
#
_entity_poly.entity_id   1
_entity_poly.type   'polypeptide(L)'
_entity_poly.pdbx_seq_one_letter_code
;MGSSHHHHHHSSGLVPRGSHMASMTGGQQMGRGSMAAQPVEWVRKADRAAGPAAVLAMATANPSNFYLQSDFPDFYFRVT
RSDHMSDLKEKFKRICKKTTVRKRHMILTEEILNKNPAIADYWSPSLAARHDLALANIPQLGKEAADKAIKEWGQPKSKI
THLVFCTSAGVLMPGADYQLTMLLGLNPSISRLMLHNLGCYAGGTALRVAKDLAENNGGARVLVVCSEANLLNFRGPSET
HIDALITQSLFADGAAALIVGSDPDLQTESPLYELISASQRILPESEDAIVGRLTEAGLVPYLPKDIPKLVSTNIRSILE
DALAPTGVQDWNSIFWIIHPGMPAILDQTEKLLQLDKEKLKATRHVLSEFGNMWSATVLFILDQLRKGAVAEGKSTTGEG
CEWGVLFSFGPGFTVETVLLRSVATATLTDA
;
_entity_poly.pdbx_strand_id   A,B
#
# COMPACT_ATOMS: atom_id res chain seq x y z
N GLU A 41 19.76 -1.73 -49.02
CA GLU A 41 20.93 -0.88 -48.89
C GLU A 41 21.26 -0.58 -47.44
N TRP A 42 22.20 0.33 -47.21
CA TRP A 42 22.61 0.75 -45.89
C TRP A 42 22.52 2.26 -45.77
N VAL A 43 21.99 2.74 -44.65
CA VAL A 43 21.81 4.17 -44.42
C VAL A 43 22.65 4.59 -43.25
N ARG A 44 22.97 5.89 -43.21
CA ARG A 44 23.78 6.43 -42.13
C ARG A 44 22.97 6.46 -40.84
N LYS A 45 23.58 5.96 -39.76
CA LYS A 45 22.87 5.88 -38.48
C LYS A 45 22.40 7.24 -38.02
N ALA A 46 23.26 8.25 -38.13
CA ALA A 46 22.95 9.63 -37.74
C ALA A 46 22.44 9.67 -36.30
N ASP A 47 21.20 10.13 -36.12
CA ASP A 47 20.59 10.25 -34.80
C ASP A 47 19.60 9.14 -34.49
N ARG A 48 19.45 8.16 -35.38
CA ARG A 48 18.48 7.10 -35.19
C ARG A 48 19.10 5.91 -34.45
N ALA A 49 18.25 4.94 -34.10
CA ALA A 49 18.68 3.75 -33.39
C ALA A 49 18.96 2.62 -34.35
N ALA A 50 19.79 1.68 -33.90
CA ALA A 50 20.25 0.57 -34.75
C ALA A 50 19.26 -0.60 -34.74
N GLY A 51 18.98 -1.14 -33.55
CA GLY A 51 18.20 -2.35 -33.44
C GLY A 51 16.74 -2.13 -33.07
N PRO A 52 15.98 -3.22 -32.98
CA PRO A 52 14.55 -3.09 -32.68
C PRO A 52 14.31 -2.67 -31.24
N ALA A 53 13.11 -2.13 -31.01
CA ALA A 53 12.73 -1.67 -29.68
C ALA A 53 12.58 -2.85 -28.73
N ALA A 54 13.05 -2.67 -27.50
CA ALA A 54 13.05 -3.74 -26.51
C ALA A 54 12.42 -3.27 -25.21
N VAL A 55 11.67 -4.15 -24.57
CA VAL A 55 11.13 -3.91 -23.23
C VAL A 55 12.25 -4.16 -22.24
N LEU A 56 12.65 -3.10 -21.52
CA LEU A 56 13.80 -3.17 -20.64
C LEU A 56 13.44 -3.24 -19.16
N ALA A 57 12.18 -2.95 -18.80
CA ALA A 57 11.73 -2.99 -17.42
C ALA A 57 10.21 -2.90 -17.42
N MET A 58 9.59 -3.56 -16.44
CA MET A 58 8.14 -3.55 -16.26
C MET A 58 7.79 -3.58 -14.79
N ALA A 59 6.66 -2.97 -14.46
CA ALA A 59 6.14 -3.02 -13.11
C ALA A 59 4.69 -2.59 -13.13
N THR A 60 3.96 -2.98 -12.07
CA THR A 60 2.53 -2.72 -11.96
C THR A 60 2.23 -2.07 -10.61
N ALA A 61 0.99 -1.64 -10.45
CA ALA A 61 0.52 -1.05 -9.20
C ALA A 61 -1.01 -1.02 -9.24
N ASN A 62 -1.59 -1.00 -8.04
CA ASN A 62 -3.04 -0.94 -7.87
C ASN A 62 -3.33 -0.10 -6.63
N PRO A 63 -4.55 0.42 -6.51
CA PRO A 63 -4.94 1.01 -5.22
C PRO A 63 -5.01 -0.05 -4.14
N SER A 64 -4.85 0.40 -2.90
CA SER A 64 -4.84 -0.53 -1.78
C SER A 64 -6.21 -1.16 -1.56
N ASN A 65 -7.27 -0.38 -1.72
CA ASN A 65 -8.62 -0.89 -1.53
C ASN A 65 -8.99 -1.85 -2.65
N PHE A 66 -9.43 -3.05 -2.28
CA PHE A 66 -9.88 -4.05 -3.23
C PHE A 66 -11.23 -4.60 -2.77
N TYR A 67 -11.90 -5.30 -3.68
CA TYR A 67 -13.17 -5.96 -3.39
C TYR A 67 -13.12 -7.38 -3.93
N LEU A 68 -13.39 -8.35 -3.06
CA LEU A 68 -13.56 -9.72 -3.53
C LEU A 68 -14.84 -9.83 -4.34
N GLN A 69 -14.77 -10.59 -5.44
CA GLN A 69 -15.95 -10.73 -6.31
C GLN A 69 -17.10 -11.43 -5.60
N SER A 70 -16.80 -12.30 -4.63
CA SER A 70 -17.86 -13.00 -3.92
C SER A 70 -18.70 -12.06 -3.07
N ASP A 71 -18.12 -10.93 -2.63
CA ASP A 71 -18.82 -9.96 -1.81
C ASP A 71 -19.33 -8.75 -2.60
N PHE A 72 -19.04 -8.68 -3.89
CA PHE A 72 -19.29 -7.45 -4.63
C PHE A 72 -20.78 -7.16 -4.89
N PRO A 73 -21.60 -8.16 -5.28
CA PRO A 73 -23.03 -7.85 -5.51
C PRO A 73 -23.72 -7.21 -4.31
N ASP A 74 -23.43 -7.67 -3.09
CA ASP A 74 -24.03 -7.05 -1.92
C ASP A 74 -23.53 -5.61 -1.74
N PHE A 75 -22.23 -5.39 -1.93
CA PHE A 75 -21.66 -4.05 -1.78
C PHE A 75 -22.17 -3.11 -2.86
N TYR A 76 -22.17 -3.58 -4.12
CA TYR A 76 -22.58 -2.74 -5.23
C TYR A 76 -24.02 -2.28 -5.08
N PHE A 77 -24.95 -3.24 -4.89
CA PHE A 77 -26.36 -2.91 -4.78
C PHE A 77 -26.70 -2.18 -3.49
N ARG A 78 -25.77 -2.10 -2.53
CA ARG A 78 -26.01 -1.36 -1.31
C ARG A 78 -25.58 0.10 -1.43
N VAL A 79 -24.37 0.34 -1.94
CA VAL A 79 -23.87 1.70 -2.03
C VAL A 79 -24.54 2.47 -3.16
N THR A 80 -25.07 1.78 -4.17
CA THR A 80 -25.86 2.44 -5.20
C THR A 80 -27.33 2.54 -4.84
N ARG A 81 -27.65 2.50 -3.55
CA ARG A 81 -29.02 2.60 -3.01
C ARG A 81 -30.04 1.87 -3.89
N SER A 82 -29.74 0.59 -4.15
CA SER A 82 -30.49 -0.17 -5.15
C SER A 82 -30.86 -1.57 -4.65
N ASP A 83 -30.95 -1.77 -3.35
CA ASP A 83 -31.24 -3.15 -2.87
C ASP A 83 -32.64 -3.64 -3.30
N HIS A 84 -33.52 -2.73 -3.74
CA HIS A 84 -34.90 -3.15 -3.99
C HIS A 84 -35.06 -3.94 -5.28
N MET A 85 -34.22 -3.68 -6.29
CA MET A 85 -34.28 -4.42 -7.55
C MET A 85 -33.63 -5.79 -7.32
N SER A 86 -34.42 -6.69 -6.73
CA SER A 86 -33.89 -7.99 -6.31
C SER A 86 -33.62 -8.90 -7.50
N ASP A 87 -34.48 -8.84 -8.52
CA ASP A 87 -34.28 -9.68 -9.70
C ASP A 87 -33.00 -9.30 -10.44
N LEU A 88 -32.67 -8.01 -10.44
CA LEU A 88 -31.42 -7.58 -11.06
C LEU A 88 -30.22 -8.00 -10.21
N LYS A 89 -30.37 -7.96 -8.87
CA LYS A 89 -29.30 -8.41 -8.00
C LYS A 89 -28.96 -9.88 -8.25
N GLU A 90 -29.98 -10.70 -8.51
CA GLU A 90 -29.73 -12.10 -8.82
C GLU A 90 -29.02 -12.24 -10.16
N LYS A 91 -29.42 -11.45 -11.16
CA LYS A 91 -28.72 -11.44 -12.44
C LYS A 91 -27.26 -11.05 -12.25
N PHE A 92 -27.00 -10.03 -11.43
CA PHE A 92 -25.63 -9.60 -11.18
C PHE A 92 -24.83 -10.69 -10.48
N LYS A 93 -25.46 -11.40 -9.54
CA LYS A 93 -24.80 -12.53 -8.90
C LYS A 93 -24.33 -13.56 -9.93
N ARG A 94 -25.20 -13.90 -10.88
CA ARG A 94 -24.84 -14.88 -11.90
C ARG A 94 -23.75 -14.35 -12.82
N ILE A 95 -23.87 -13.08 -13.23
CA ILE A 95 -22.88 -12.48 -14.12
C ILE A 95 -21.52 -12.42 -13.43
N CYS A 96 -21.49 -11.98 -12.17
CA CYS A 96 -20.22 -11.82 -11.46
C CYS A 96 -19.46 -13.13 -11.35
N LYS A 97 -20.18 -14.26 -11.21
CA LYS A 97 -19.51 -15.55 -11.04
C LYS A 97 -19.00 -16.12 -12.34
N LYS A 98 -19.63 -15.80 -13.46
CA LYS A 98 -19.11 -16.22 -14.76
C LYS A 98 -17.92 -15.40 -15.21
N THR A 99 -17.63 -14.27 -14.56
CA THR A 99 -16.44 -13.50 -14.90
C THR A 99 -15.15 -14.25 -14.60
N THR A 100 -15.21 -15.24 -13.71
CA THR A 100 -14.03 -15.94 -13.18
C THR A 100 -13.04 -14.96 -12.55
N VAL A 101 -13.55 -13.85 -12.03
CA VAL A 101 -12.74 -12.85 -11.35
C VAL A 101 -12.83 -13.09 -9.86
N ARG A 102 -11.69 -12.99 -9.16
CA ARG A 102 -11.66 -13.15 -7.71
C ARG A 102 -11.72 -11.81 -6.99
N LYS A 103 -10.81 -10.89 -7.29
CA LYS A 103 -10.79 -9.59 -6.63
C LYS A 103 -10.45 -8.50 -7.62
N ARG A 104 -10.78 -7.27 -7.24
CA ARG A 104 -10.57 -6.10 -8.09
C ARG A 104 -10.22 -4.92 -7.20
N HIS A 105 -9.10 -4.26 -7.51
CA HIS A 105 -8.72 -3.06 -6.79
C HIS A 105 -9.46 -1.85 -7.34
N MET A 106 -9.92 -0.98 -6.42
CA MET A 106 -10.77 0.13 -6.78
C MET A 106 -10.44 1.34 -5.91
N ILE A 107 -10.28 2.50 -6.54
CA ILE A 107 -10.13 3.75 -5.81
C ILE A 107 -11.38 4.07 -5.01
N LEU A 108 -12.55 3.81 -5.61
CA LEU A 108 -13.83 4.18 -5.00
C LEU A 108 -14.13 3.30 -3.81
N THR A 109 -14.10 3.89 -2.61
CA THR A 109 -14.52 3.22 -1.40
C THR A 109 -15.97 3.59 -1.10
N GLU A 110 -16.52 3.00 -0.04
CA GLU A 110 -17.87 3.36 0.36
C GLU A 110 -17.93 4.82 0.83
N GLU A 111 -16.88 5.28 1.51
CA GLU A 111 -16.86 6.65 2.01
C GLU A 111 -16.77 7.65 0.87
N ILE A 112 -15.93 7.37 -0.13
CA ILE A 112 -15.81 8.28 -1.27
C ILE A 112 -17.11 8.34 -2.04
N LEU A 113 -17.76 7.20 -2.25
CA LEU A 113 -19.06 7.19 -2.90
C LEU A 113 -20.11 7.89 -2.05
N ASN A 114 -19.92 7.91 -0.72
CA ASN A 114 -20.87 8.59 0.14
C ASN A 114 -20.75 10.09 0.06
N LYS A 115 -19.54 10.61 -0.15
CA LYS A 115 -19.34 12.04 -0.34
C LYS A 115 -19.55 12.48 -1.78
N ASN A 116 -19.73 11.54 -2.70
CA ASN A 116 -20.05 11.84 -4.10
C ASN A 116 -21.20 10.93 -4.53
N PRO A 117 -22.40 11.15 -3.99
CA PRO A 117 -23.52 10.23 -4.27
C PRO A 117 -23.94 10.19 -5.73
N ALA A 118 -23.69 11.25 -6.50
CA ALA A 118 -24.09 11.24 -7.91
C ALA A 118 -23.31 10.21 -8.71
N ILE A 119 -22.10 9.87 -8.26
CA ILE A 119 -21.33 8.81 -8.92
C ILE A 119 -22.02 7.46 -8.74
N ALA A 120 -22.64 7.24 -7.57
CA ALA A 120 -23.34 5.98 -7.31
C ALA A 120 -24.67 5.88 -8.07
N ASP A 121 -25.26 7.00 -8.47
CA ASP A 121 -26.49 6.96 -9.25
C ASP A 121 -26.23 6.36 -10.63
N TYR A 122 -27.29 5.80 -11.22
CA TYR A 122 -27.15 5.24 -12.56
C TYR A 122 -26.83 6.33 -13.58
N TRP A 123 -27.43 7.51 -13.42
CA TRP A 123 -27.29 8.57 -14.44
C TRP A 123 -27.65 9.91 -13.77
N SER A 124 -26.63 10.59 -13.25
CA SER A 124 -26.80 11.90 -12.66
C SER A 124 -25.54 12.71 -12.90
N PRO A 125 -25.65 14.04 -13.09
CA PRO A 125 -24.47 14.86 -13.37
C PRO A 125 -23.34 14.67 -12.36
N SER A 126 -22.19 14.23 -12.84
CA SER A 126 -21.11 13.86 -11.93
C SER A 126 -19.73 13.96 -12.57
N LEU A 127 -19.60 14.52 -13.77
CA LEU A 127 -18.33 14.45 -14.49
C LEU A 127 -17.23 15.19 -13.73
N ALA A 128 -17.52 16.41 -13.30
CA ALA A 128 -16.49 17.21 -12.62
C ALA A 128 -16.01 16.53 -11.35
N ALA A 129 -16.90 15.86 -10.62
CA ALA A 129 -16.49 15.14 -9.42
C ALA A 129 -15.64 13.93 -9.78
N ARG A 130 -15.98 13.24 -10.86
CA ARG A 130 -15.15 12.13 -11.33
C ARG A 130 -13.77 12.62 -11.76
N HIS A 131 -13.71 13.80 -12.40
CA HIS A 131 -12.42 14.30 -12.88
C HIS A 131 -11.56 14.84 -11.75
N ASP A 132 -12.19 15.30 -10.66
CA ASP A 132 -11.41 15.64 -9.47
C ASP A 132 -10.75 14.39 -8.88
N LEU A 133 -11.48 13.28 -8.85
CA LEU A 133 -10.89 12.02 -8.38
C LEU A 133 -9.81 11.52 -9.34
N ALA A 134 -9.97 11.77 -10.64
CA ALA A 134 -8.95 11.36 -11.59
C ALA A 134 -7.68 12.18 -11.42
N LEU A 135 -7.83 13.48 -11.17
CA LEU A 135 -6.67 14.33 -10.97
C LEU A 135 -5.89 13.93 -9.73
N ALA A 136 -6.59 13.48 -8.68
CA ALA A 136 -5.95 13.12 -7.43
C ALA A 136 -5.46 11.68 -7.39
N ASN A 137 -5.73 10.87 -8.41
CA ASN A 137 -5.43 9.45 -8.28
C ASN A 137 -4.71 8.85 -9.48
N ILE A 138 -5.02 9.31 -10.70
CA ILE A 138 -4.52 8.64 -11.90
C ILE A 138 -3.03 8.91 -12.11
N PRO A 139 -2.54 10.16 -12.07
CA PRO A 139 -1.08 10.36 -12.17
C PRO A 139 -0.33 9.76 -11.01
N GLN A 140 -0.91 9.77 -9.80
CA GLN A 140 -0.24 9.20 -8.64
C GLN A 140 -0.12 7.68 -8.76
N LEU A 141 -1.19 7.01 -9.19
CA LEU A 141 -1.13 5.57 -9.37
C LEU A 141 -0.14 5.21 -10.48
N GLY A 142 -0.05 6.03 -11.52
CA GLY A 142 0.96 5.81 -12.55
C GLY A 142 2.37 6.01 -12.05
N LYS A 143 2.57 6.91 -11.08
CA LYS A 143 3.90 7.10 -10.51
C LYS A 143 4.35 5.89 -9.70
N GLU A 144 3.42 5.20 -9.04
CA GLU A 144 3.78 4.02 -8.27
C GLU A 144 4.29 2.91 -9.18
N ALA A 145 3.64 2.70 -10.32
CA ALA A 145 4.13 1.71 -11.26
C ALA A 145 5.44 2.17 -11.90
N ALA A 146 5.56 3.47 -12.18
CA ALA A 146 6.75 3.98 -12.83
C ALA A 146 7.96 3.90 -11.90
N ASP A 147 7.78 4.19 -10.62
CA ASP A 147 8.88 4.11 -9.67
C ASP A 147 9.46 2.71 -9.62
N LYS A 148 8.59 1.70 -9.53
CA LYS A 148 9.08 0.32 -9.50
C LYS A 148 9.80 -0.04 -10.79
N ALA A 149 9.27 0.40 -11.93
CA ALA A 149 9.90 0.07 -13.20
C ALA A 149 11.25 0.75 -13.34
N ILE A 150 11.33 2.02 -12.94
CA ILE A 150 12.61 2.73 -12.97
C ILE A 150 13.60 2.08 -12.00
N LYS A 151 13.11 1.61 -10.85
CA LYS A 151 13.97 0.91 -9.91
C LYS A 151 14.58 -0.34 -10.52
N GLU A 152 13.76 -1.13 -11.22
CA GLU A 152 14.29 -2.32 -11.91
C GLU A 152 15.24 -1.92 -13.04
N TRP A 153 14.96 -0.79 -13.71
CA TRP A 153 15.80 -0.36 -14.82
C TRP A 153 17.21 -0.05 -14.35
N GLY A 154 17.33 0.69 -13.25
CA GLY A 154 18.62 1.01 -12.66
C GLY A 154 19.24 2.30 -13.17
N GLN A 155 18.80 2.83 -14.30
CA GLN A 155 19.38 4.04 -14.87
C GLN A 155 18.70 5.27 -14.30
N PRO A 156 19.36 6.43 -14.34
CA PRO A 156 18.73 7.65 -13.84
C PRO A 156 17.51 8.03 -14.66
N LYS A 157 16.57 8.72 -13.99
CA LYS A 157 15.36 9.16 -14.66
C LYS A 157 15.63 10.24 -15.70
N SER A 158 16.74 10.97 -15.58
CA SER A 158 17.08 11.99 -16.57
C SER A 158 17.45 11.38 -17.92
N LYS A 159 17.59 10.06 -18.01
CA LYS A 159 17.80 9.39 -19.28
C LYS A 159 16.50 9.08 -20.01
N ILE A 160 15.36 9.29 -19.36
CA ILE A 160 14.06 9.10 -19.99
C ILE A 160 13.77 10.29 -20.89
N THR A 161 13.64 10.04 -22.19
CA THR A 161 13.46 11.10 -23.18
C THR A 161 12.03 11.20 -23.71
N HIS A 162 11.24 10.14 -23.57
CA HIS A 162 9.87 10.12 -24.07
C HIS A 162 8.95 9.53 -23.00
N LEU A 163 7.71 10.03 -22.97
CA LEU A 163 6.67 9.50 -22.10
C LEU A 163 5.41 9.27 -22.91
N VAL A 164 4.88 8.05 -22.87
CA VAL A 164 3.58 7.73 -23.44
C VAL A 164 2.63 7.38 -22.30
N PHE A 165 1.49 8.05 -22.26
CA PHE A 165 0.52 7.89 -21.17
C PHE A 165 -0.84 7.59 -21.76
N CYS A 166 -1.42 6.46 -21.37
CA CYS A 166 -2.77 6.07 -21.77
C CYS A 166 -3.68 6.04 -20.57
N THR A 167 -4.86 6.62 -20.70
CA THR A 167 -5.89 6.50 -19.68
C THR A 167 -7.25 6.81 -20.30
N SER A 168 -8.26 6.07 -19.84
CA SER A 168 -9.66 6.37 -20.13
C SER A 168 -10.42 6.71 -18.86
N ALA A 169 -9.70 7.07 -17.79
CA ALA A 169 -10.31 7.35 -16.51
C ALA A 169 -10.53 8.84 -16.26
N GLY A 170 -10.07 9.71 -17.15
CA GLY A 170 -10.29 11.13 -16.98
C GLY A 170 -9.59 11.98 -18.01
N VAL A 171 -10.33 12.88 -18.66
CA VAL A 171 -9.76 13.83 -19.61
C VAL A 171 -9.29 15.05 -18.82
N LEU A 172 -7.99 15.29 -18.82
CA LEU A 172 -7.40 16.37 -18.03
C LEU A 172 -6.60 17.30 -18.92
N MET A 173 -6.64 18.59 -18.61
CA MET A 173 -5.91 19.61 -19.33
C MET A 173 -5.25 20.55 -18.33
N PRO A 174 -3.92 20.45 -18.14
CA PRO A 174 -2.99 19.52 -18.79
C PRO A 174 -3.24 18.06 -18.40
N GLY A 175 -2.75 17.14 -19.23
CA GLY A 175 -3.04 15.74 -19.03
C GLY A 175 -2.26 15.11 -17.91
N ALA A 176 -2.60 13.84 -17.64
CA ALA A 176 -1.87 13.07 -16.64
C ALA A 176 -0.43 12.81 -17.07
N ASP A 177 -0.12 12.94 -18.36
CA ASP A 177 1.27 12.86 -18.81
C ASP A 177 2.08 14.01 -18.23
N TYR A 178 1.50 15.21 -18.18
CA TYR A 178 2.20 16.33 -17.58
C TYR A 178 2.32 16.16 -16.07
N GLN A 179 1.25 15.72 -15.41
CA GLN A 179 1.28 15.56 -13.95
C GLN A 179 2.33 14.54 -13.53
N LEU A 180 2.44 13.44 -14.27
CA LEU A 180 3.47 12.45 -13.97
C LEU A 180 4.87 13.03 -14.17
N THR A 181 5.05 13.85 -15.19
CA THR A 181 6.35 14.49 -15.42
C THR A 181 6.75 15.35 -14.23
N MET A 182 5.79 16.03 -13.62
CA MET A 182 6.10 16.86 -12.45
C MET A 182 6.38 15.99 -11.23
N LEU A 183 5.52 15.00 -10.96
CA LEU A 183 5.68 14.18 -9.77
C LEU A 183 6.98 13.39 -9.80
N LEU A 184 7.33 12.83 -10.96
CA LEU A 184 8.58 12.10 -11.08
C LEU A 184 9.78 13.02 -11.24
N GLY A 185 9.57 14.29 -11.54
CA GLY A 185 10.66 15.20 -11.82
C GLY A 185 11.43 14.84 -13.07
N LEU A 186 10.75 14.37 -14.11
CA LEU A 186 11.42 14.05 -15.36
C LEU A 186 11.86 15.33 -16.06
N ASN A 187 12.68 15.17 -17.09
CA ASN A 187 13.22 16.32 -17.79
C ASN A 187 12.07 17.17 -18.37
N PRO A 188 12.14 18.49 -18.23
CA PRO A 188 11.06 19.34 -18.79
C PRO A 188 11.00 19.29 -20.31
N SER A 189 12.06 18.82 -20.97
CA SER A 189 12.09 18.71 -22.42
C SER A 189 11.71 17.33 -22.90
N ILE A 190 11.06 16.52 -22.05
CA ILE A 190 10.63 15.18 -22.44
C ILE A 190 9.58 15.29 -23.54
N SER A 191 9.63 14.36 -24.49
CA SER A 191 8.64 14.30 -25.57
C SER A 191 7.48 13.43 -25.12
N ARG A 192 6.32 14.04 -24.91
CA ARG A 192 5.18 13.36 -24.32
C ARG A 192 4.10 13.08 -25.35
N LEU A 193 3.34 12.00 -25.09
CA LEU A 193 2.20 11.62 -25.91
C LEU A 193 1.08 11.20 -24.98
N MET A 194 0.02 12.00 -24.93
CA MET A 194 -1.13 11.75 -24.06
C MET A 194 -2.25 11.12 -24.89
N LEU A 195 -2.65 9.90 -24.51
CA LEU A 195 -3.67 9.13 -25.21
C LEU A 195 -4.90 9.02 -24.31
N HIS A 196 -5.92 9.81 -24.61
CA HIS A 196 -7.15 9.86 -23.84
C HIS A 196 -8.22 9.01 -24.50
N ASN A 197 -8.78 8.07 -23.74
CA ASN A 197 -10.05 7.41 -24.07
C ASN A 197 -10.00 6.68 -25.41
N LEU A 198 -8.92 5.94 -25.64
CA LEU A 198 -8.87 5.04 -26.78
C LEU A 198 -9.65 3.75 -26.50
N GLY A 199 -9.78 3.37 -25.25
CA GLY A 199 -10.45 2.15 -24.87
C GLY A 199 -9.52 1.07 -24.39
N CYS A 200 -10.00 -0.18 -24.46
CA CYS A 200 -9.30 -1.32 -23.91
C CYS A 200 -8.09 -1.74 -24.74
N TYR A 201 -8.04 -1.36 -26.01
CA TYR A 201 -6.95 -1.78 -26.88
C TYR A 201 -5.71 -0.92 -26.75
N ALA A 202 -5.75 0.14 -25.94
CA ALA A 202 -4.67 1.11 -25.93
C ALA A 202 -3.37 0.55 -25.36
N GLY A 203 -3.42 -0.60 -24.70
CA GLY A 203 -2.18 -1.25 -24.28
C GLY A 203 -1.31 -1.64 -25.47
N GLY A 204 -1.94 -2.12 -26.54
CA GLY A 204 -1.21 -2.38 -27.77
C GLY A 204 -0.84 -1.12 -28.51
N THR A 205 -1.64 -0.05 -28.40
CA THR A 205 -1.30 1.23 -29.01
C THR A 205 -0.05 1.82 -28.37
N ALA A 206 0.05 1.76 -27.04
CA ALA A 206 1.22 2.28 -26.36
C ALA A 206 2.49 1.53 -26.78
N LEU A 207 2.40 0.22 -26.94
CA LEU A 207 3.55 -0.53 -27.43
C LEU A 207 3.87 -0.17 -28.87
N ARG A 208 2.83 0.01 -29.70
CA ARG A 208 3.03 0.40 -31.10
C ARG A 208 3.67 1.78 -31.19
N VAL A 209 3.27 2.71 -30.31
CA VAL A 209 3.84 4.05 -30.35
C VAL A 209 5.28 4.04 -29.87
N ALA A 210 5.53 3.40 -28.71
CA ALA A 210 6.88 3.39 -28.14
C ALA A 210 7.88 2.75 -29.07
N LYS A 211 7.44 1.77 -29.87
CA LYS A 211 8.33 1.12 -30.81
C LYS A 211 8.93 2.12 -31.80
N ASP A 212 8.08 2.98 -32.38
CA ASP A 212 8.57 3.95 -33.35
C ASP A 212 9.42 5.03 -32.70
N LEU A 213 9.09 5.43 -31.46
CA LEU A 213 9.87 6.45 -30.78
C LEU A 213 11.29 5.97 -30.49
N ALA A 214 11.43 4.72 -30.03
CA ALA A 214 12.74 4.22 -29.62
C ALA A 214 13.60 3.85 -30.82
N GLU A 215 13.01 3.22 -31.84
CA GLU A 215 13.79 2.75 -32.99
C GLU A 215 14.27 3.89 -33.88
N ASN A 216 13.64 5.06 -33.80
CA ASN A 216 13.99 6.18 -34.68
C ASN A 216 14.82 7.26 -33.98
N ASN A 217 15.06 7.13 -32.67
CA ASN A 217 15.79 8.14 -31.92
C ASN A 217 16.88 7.46 -31.13
N GLY A 218 18.14 7.77 -31.46
CA GLY A 218 19.26 7.11 -30.81
C GLY A 218 19.37 7.51 -29.35
N GLY A 219 19.53 6.52 -28.48
CA GLY A 219 19.60 6.75 -27.05
C GLY A 219 18.26 6.99 -26.39
N ALA A 220 17.15 6.95 -27.13
CA ALA A 220 15.86 7.26 -26.57
C ALA A 220 15.42 6.19 -25.58
N ARG A 221 14.93 6.62 -24.43
CA ARG A 221 14.36 5.74 -23.42
C ARG A 221 12.93 6.20 -23.15
N VAL A 222 11.96 5.32 -23.45
CA VAL A 222 10.56 5.69 -23.46
C VAL A 222 9.88 5.09 -22.23
N LEU A 223 9.35 5.94 -21.36
CA LEU A 223 8.52 5.49 -20.26
C LEU A 223 7.09 5.32 -20.76
N VAL A 224 6.55 4.12 -20.62
CA VAL A 224 5.17 3.83 -21.00
C VAL A 224 4.37 3.61 -19.73
N VAL A 225 3.26 4.34 -19.58
CA VAL A 225 2.42 4.26 -18.39
C VAL A 225 0.97 4.19 -18.83
N CYS A 226 0.30 3.09 -18.50
CA CYS A 226 -1.14 2.94 -18.66
C CYS A 226 -1.75 2.93 -17.26
N SER A 227 -2.42 4.02 -16.89
CA SER A 227 -3.03 4.14 -15.57
C SER A 227 -4.55 4.23 -15.74
N GLU A 228 -5.27 3.21 -15.28
CA GLU A 228 -6.70 3.09 -15.54
C GLU A 228 -7.47 2.92 -14.24
N ALA A 229 -8.75 3.29 -14.31
CA ALA A 229 -9.67 3.21 -13.18
C ALA A 229 -11.10 3.34 -13.72
N ASN A 230 -12.06 2.97 -12.88
CA ASN A 230 -13.47 3.01 -13.25
C ASN A 230 -14.14 4.34 -12.91
N LEU A 231 -13.35 5.42 -12.76
CA LEU A 231 -13.90 6.68 -12.29
C LEU A 231 -14.95 7.25 -13.23
N LEU A 232 -14.83 6.97 -14.53
CA LEU A 232 -15.80 7.44 -15.50
C LEU A 232 -16.89 6.42 -15.82
N ASN A 233 -16.62 5.12 -15.62
CA ASN A 233 -17.57 4.08 -15.95
C ASN A 233 -18.46 3.64 -14.78
N PHE A 234 -18.04 3.86 -13.55
CA PHE A 234 -18.81 3.39 -12.40
C PHE A 234 -20.13 4.15 -12.30
N ARG A 235 -21.22 3.40 -12.11
CA ARG A 235 -22.54 3.99 -11.92
C ARG A 235 -23.47 2.93 -11.34
N GLY A 236 -24.63 3.37 -10.89
CA GLY A 236 -25.63 2.49 -10.33
C GLY A 236 -26.27 1.59 -11.38
N PRO A 237 -27.05 0.61 -10.92
CA PRO A 237 -27.68 -0.32 -11.84
C PRO A 237 -28.98 0.23 -12.43
N SER A 238 -29.32 -0.30 -13.60
CA SER A 238 -30.57 0.02 -14.27
C SER A 238 -31.13 -1.26 -14.87
N GLU A 239 -32.41 -1.54 -14.58
CA GLU A 239 -33.06 -2.68 -15.22
C GLU A 239 -33.18 -2.50 -16.72
N THR A 240 -32.97 -1.27 -17.22
CA THR A 240 -33.06 -1.00 -18.64
C THR A 240 -31.75 -1.29 -19.36
N HIS A 241 -30.62 -0.93 -18.75
CA HIS A 241 -29.31 -1.00 -19.38
C HIS A 241 -28.50 -2.13 -18.73
N ILE A 242 -28.56 -3.32 -19.34
CA ILE A 242 -27.82 -4.46 -18.84
C ILE A 242 -26.38 -4.47 -19.34
N ASP A 243 -26.10 -3.77 -20.44
CA ASP A 243 -24.73 -3.62 -20.91
C ASP A 243 -23.87 -2.92 -19.85
N ALA A 244 -24.36 -1.81 -19.31
CA ALA A 244 -23.61 -1.08 -18.29
C ALA A 244 -23.41 -1.91 -17.04
N LEU A 245 -24.41 -2.73 -16.68
CA LEU A 245 -24.28 -3.56 -15.49
C LEU A 245 -23.22 -4.63 -15.67
N ILE A 246 -23.13 -5.21 -16.87
CA ILE A 246 -22.13 -6.25 -17.12
C ILE A 246 -20.72 -5.69 -16.97
N THR A 247 -20.51 -4.45 -17.43
CA THR A 247 -19.19 -3.83 -17.29
C THR A 247 -18.85 -3.54 -15.83
N GLN A 248 -19.85 -3.39 -14.96
CA GLN A 248 -19.59 -3.13 -13.55
C GLN A 248 -18.99 -4.34 -12.82
N SER A 249 -18.99 -5.51 -13.45
CA SER A 249 -18.49 -6.73 -12.84
C SER A 249 -17.09 -7.10 -13.31
N LEU A 250 -16.51 -6.35 -14.24
CA LEU A 250 -15.20 -6.67 -14.79
C LEU A 250 -14.19 -5.55 -14.64
N PHE A 251 -14.61 -4.30 -14.86
CA PHE A 251 -13.66 -3.18 -14.90
C PHE A 251 -13.08 -2.91 -13.52
N ALA A 252 -11.79 -2.58 -13.49
CA ALA A 252 -11.08 -2.37 -12.23
C ALA A 252 -9.95 -1.39 -12.45
N ASP A 253 -9.29 -1.01 -11.35
CA ASP A 253 -8.24 -0.01 -11.36
C ASP A 253 -6.87 -0.67 -11.33
N GLY A 254 -5.89 0.03 -11.89
CA GLY A 254 -4.53 -0.47 -11.97
C GLY A 254 -3.67 0.33 -12.93
N ALA A 255 -2.35 0.23 -12.78
CA ALA A 255 -1.42 0.96 -13.63
C ALA A 255 -0.20 0.08 -13.89
N ALA A 256 0.22 0.07 -15.15
CA ALA A 256 1.42 -0.63 -15.59
C ALA A 256 2.41 0.37 -16.14
N ALA A 257 3.70 0.05 -16.04
CA ALA A 257 4.75 0.95 -16.47
C ALA A 257 5.88 0.16 -17.10
N LEU A 258 6.39 0.66 -18.22
CA LEU A 258 7.49 0.02 -18.94
C LEU A 258 8.57 1.04 -19.22
N ILE A 259 9.78 0.52 -19.45
CA ILE A 259 10.86 1.27 -20.06
C ILE A 259 11.18 0.58 -21.38
N VAL A 260 11.00 1.30 -22.48
CA VAL A 260 11.24 0.75 -23.82
C VAL A 260 12.38 1.53 -24.45
N GLY A 261 13.38 0.80 -24.95
CA GLY A 261 14.51 1.42 -25.63
C GLY A 261 15.11 0.44 -26.62
N SER A 262 15.78 1.01 -27.62
CA SER A 262 16.58 0.24 -28.57
C SER A 262 18.06 0.35 -28.20
N ASP A 263 18.87 -0.49 -28.83
CA ASP A 263 20.31 -0.53 -28.63
C ASP A 263 20.66 -0.56 -27.13
N PRO A 264 20.29 -1.62 -26.42
CA PRO A 264 20.51 -1.63 -24.97
C PRO A 264 21.99 -1.79 -24.63
N ASP A 265 22.43 -1.05 -23.62
CA ASP A 265 23.77 -1.19 -23.05
C ASP A 265 23.75 -2.42 -22.15
N LEU A 266 24.15 -3.56 -22.71
CA LEU A 266 23.94 -4.86 -22.06
C LEU A 266 24.71 -5.03 -20.76
N GLN A 267 25.61 -4.10 -20.42
CA GLN A 267 26.30 -4.21 -19.14
C GLN A 267 25.49 -3.59 -18.00
N THR A 268 24.67 -2.56 -18.30
CA THR A 268 23.78 -1.98 -17.30
C THR A 268 22.31 -2.29 -17.53
N GLU A 269 21.90 -2.54 -18.76
CA GLU A 269 20.50 -2.75 -19.10
C GLU A 269 20.26 -4.20 -19.49
N SER A 270 19.10 -4.73 -19.09
CA SER A 270 18.75 -6.12 -19.33
C SER A 270 17.44 -6.20 -20.09
N PRO A 271 17.44 -6.53 -21.38
CA PRO A 271 16.18 -6.65 -22.11
C PRO A 271 15.34 -7.82 -21.61
N LEU A 272 14.03 -7.64 -21.68
CA LEU A 272 13.06 -8.68 -21.35
C LEU A 272 12.30 -9.20 -22.56
N TYR A 273 11.88 -8.32 -23.46
CA TYR A 273 11.21 -8.70 -24.70
C TYR A 273 11.67 -7.77 -25.81
N GLU A 274 11.34 -8.13 -27.04
CA GLU A 274 11.58 -7.31 -28.22
C GLU A 274 10.25 -7.07 -28.93
N LEU A 275 9.99 -5.83 -29.31
CA LEU A 275 8.82 -5.49 -30.12
C LEU A 275 9.24 -5.57 -31.59
N ILE A 276 8.80 -6.62 -32.27
CA ILE A 276 9.22 -6.85 -33.66
C ILE A 276 8.23 -6.23 -34.65
N SER A 277 6.93 -6.32 -34.37
CA SER A 277 5.93 -5.71 -35.22
C SER A 277 4.71 -5.38 -34.37
N ALA A 278 4.02 -4.30 -34.76
CA ALA A 278 2.82 -3.87 -34.05
C ALA A 278 1.90 -3.21 -35.07
N SER A 279 0.67 -3.72 -35.17
CA SER A 279 -0.26 -3.24 -36.18
C SER A 279 -1.65 -3.07 -35.58
N GLN A 280 -2.44 -2.21 -36.24
CA GLN A 280 -3.82 -1.96 -35.87
C GLN A 280 -4.73 -2.37 -37.02
N ARG A 281 -5.96 -2.74 -36.68
CA ARG A 281 -6.88 -3.21 -37.70
C ARG A 281 -8.31 -3.02 -37.22
N ILE A 282 -9.19 -2.64 -38.14
CA ILE A 282 -10.63 -2.58 -37.91
C ILE A 282 -11.24 -3.87 -38.47
N LEU A 283 -11.97 -4.59 -37.63
CA LEU A 283 -12.59 -5.82 -38.09
C LEU A 283 -13.73 -5.52 -39.07
N PRO A 284 -13.87 -6.31 -40.13
CA PRO A 284 -14.98 -6.10 -41.07
C PRO A 284 -16.32 -6.37 -40.40
N GLU A 285 -17.33 -5.60 -40.82
CA GLU A 285 -18.71 -5.75 -40.34
C GLU A 285 -18.77 -5.68 -38.81
N SER A 286 -18.30 -4.56 -38.26
CA SER A 286 -18.25 -4.42 -36.81
C SER A 286 -18.62 -3.01 -36.35
N GLU A 287 -19.35 -2.26 -37.18
CA GLU A 287 -19.64 -0.87 -36.87
C GLU A 287 -20.53 -0.77 -35.63
N ASP A 288 -20.15 0.11 -34.71
CA ASP A 288 -20.89 0.37 -33.47
C ASP A 288 -20.97 -0.88 -32.59
N ALA A 289 -20.00 -1.79 -32.72
CA ALA A 289 -19.97 -2.95 -31.85
C ALA A 289 -19.70 -2.54 -30.40
N ILE A 290 -18.76 -1.62 -30.20
CA ILE A 290 -18.47 -1.04 -28.89
C ILE A 290 -18.46 0.47 -29.04
N VAL A 291 -19.36 1.14 -28.32
CA VAL A 291 -19.46 2.60 -28.33
C VAL A 291 -19.53 3.08 -26.89
N GLY A 292 -18.73 4.09 -26.56
CA GLY A 292 -18.79 4.69 -25.24
C GLY A 292 -19.02 6.18 -25.31
N ARG A 293 -20.21 6.63 -24.96
CA ARG A 293 -20.56 8.05 -24.98
C ARG A 293 -20.14 8.70 -23.68
N LEU A 294 -19.33 9.75 -23.77
CA LEU A 294 -18.93 10.54 -22.61
C LEU A 294 -19.98 11.62 -22.39
N THR A 295 -20.72 11.53 -21.29
CA THR A 295 -21.85 12.38 -21.00
C THR A 295 -21.63 13.12 -19.68
N GLU A 296 -22.64 13.91 -19.30
CA GLU A 296 -22.59 14.63 -18.04
C GLU A 296 -22.55 13.69 -16.84
N ALA A 297 -22.94 12.44 -17.01
CA ALA A 297 -22.92 11.45 -15.94
C ALA A 297 -21.74 10.50 -16.05
N GLY A 298 -20.81 10.77 -16.96
CA GLY A 298 -19.64 9.94 -17.15
C GLY A 298 -19.74 9.09 -18.41
N LEU A 299 -18.93 8.03 -18.42
CA LEU A 299 -18.82 7.16 -19.58
C LEU A 299 -19.92 6.10 -19.55
N VAL A 300 -20.78 6.12 -20.56
CA VAL A 300 -21.87 5.18 -20.70
C VAL A 300 -21.57 4.26 -21.88
N PRO A 301 -21.54 2.94 -21.70
CA PRO A 301 -21.17 2.04 -22.80
C PRO A 301 -22.37 1.48 -23.55
N TYR A 302 -22.13 0.99 -24.77
CA TYR A 302 -23.15 0.33 -25.58
C TYR A 302 -22.49 -0.78 -26.37
N LEU A 303 -22.93 -2.02 -26.16
CA LEU A 303 -22.31 -3.19 -26.78
C LEU A 303 -23.36 -4.03 -27.50
N PRO A 304 -23.89 -3.52 -28.64
CA PRO A 304 -24.97 -4.25 -29.32
C PRO A 304 -24.50 -5.46 -30.11
N LYS A 305 -23.43 -5.33 -30.88
CA LYS A 305 -22.98 -6.45 -31.71
C LYS A 305 -22.24 -7.48 -30.87
N ASP A 306 -22.21 -8.72 -31.38
CA ASP A 306 -21.57 -9.83 -30.69
C ASP A 306 -20.06 -9.74 -30.86
N ILE A 307 -19.35 -9.64 -29.73
CA ILE A 307 -17.90 -9.45 -29.75
C ILE A 307 -17.17 -10.78 -29.93
N PRO A 308 -17.49 -11.85 -29.17
CA PRO A 308 -16.73 -13.10 -29.36
C PRO A 308 -16.81 -13.66 -30.77
N LYS A 309 -17.96 -13.56 -31.43
CA LYS A 309 -18.06 -14.06 -32.80
C LYS A 309 -17.17 -13.23 -33.74
N LEU A 310 -17.07 -11.93 -33.49
CA LEU A 310 -16.20 -11.08 -34.32
C LEU A 310 -14.75 -11.49 -34.19
N VAL A 311 -14.29 -11.72 -32.96
CA VAL A 311 -12.90 -12.11 -32.74
C VAL A 311 -12.65 -13.51 -33.26
N SER A 312 -13.57 -14.44 -32.99
CA SER A 312 -13.38 -15.83 -33.42
C SER A 312 -13.28 -15.93 -34.95
N THR A 313 -13.99 -15.07 -35.67
CA THR A 313 -13.91 -15.12 -37.13
C THR A 313 -12.56 -14.65 -37.63
N ASN A 314 -12.00 -13.62 -37.02
CA ASN A 314 -10.81 -12.95 -37.54
C ASN A 314 -9.53 -13.30 -36.81
N ILE A 315 -9.61 -13.99 -35.66
CA ILE A 315 -8.45 -14.16 -34.80
C ILE A 315 -7.33 -14.90 -35.53
N ARG A 316 -7.68 -15.89 -36.34
CA ARG A 316 -6.66 -16.72 -36.99
C ARG A 316 -5.96 -15.97 -38.11
N SER A 317 -6.73 -15.29 -38.96
CA SER A 317 -6.13 -14.53 -40.05
C SER A 317 -5.21 -13.43 -39.52
N ILE A 318 -5.55 -12.83 -38.39
CA ILE A 318 -4.76 -11.75 -37.85
C ILE A 318 -3.44 -12.28 -37.28
N LEU A 319 -3.52 -13.30 -36.43
CA LEU A 319 -2.31 -13.82 -35.79
C LEU A 319 -1.39 -14.53 -36.78
N GLU A 320 -1.96 -15.19 -37.79
CA GLU A 320 -1.11 -15.78 -38.83
C GLU A 320 -0.36 -14.71 -39.59
N ASP A 321 -1.00 -13.56 -39.83
CA ASP A 321 -0.32 -12.45 -40.47
C ASP A 321 0.80 -11.90 -39.61
N ALA A 322 0.62 -11.92 -38.29
CA ALA A 322 1.67 -11.44 -37.40
C ALA A 322 2.84 -12.41 -37.34
N LEU A 323 2.57 -13.72 -37.43
CA LEU A 323 3.61 -14.73 -37.33
C LEU A 323 4.26 -15.05 -38.68
N ALA A 324 3.85 -14.39 -39.75
CA ALA A 324 4.37 -14.71 -41.09
C ALA A 324 5.89 -14.62 -41.20
N PRO A 325 6.58 -13.61 -40.66
CA PRO A 325 8.04 -13.58 -40.76
C PRO A 325 8.78 -14.45 -39.75
N THR A 326 8.08 -15.25 -38.94
CA THR A 326 8.74 -16.07 -37.93
C THR A 326 8.96 -17.51 -38.37
N GLY A 327 8.11 -18.05 -39.23
CA GLY A 327 8.22 -19.45 -39.61
C GLY A 327 7.66 -20.42 -38.60
N VAL A 328 6.82 -19.95 -37.69
CA VAL A 328 6.23 -20.80 -36.65
C VAL A 328 5.02 -21.53 -37.24
N GLN A 329 4.94 -22.83 -36.98
CA GLN A 329 3.82 -23.65 -37.45
C GLN A 329 2.86 -24.07 -36.35
N ASP A 330 3.37 -24.37 -35.16
CA ASP A 330 2.53 -24.80 -34.05
C ASP A 330 2.07 -23.58 -33.26
N TRP A 331 0.75 -23.46 -33.07
CA TRP A 331 0.21 -22.38 -32.25
C TRP A 331 0.68 -22.49 -30.80
N ASN A 332 1.10 -23.68 -30.37
CA ASN A 332 1.57 -23.91 -29.01
C ASN A 332 3.07 -23.73 -28.87
N SER A 333 3.75 -23.27 -29.91
CA SER A 333 5.19 -23.00 -29.85
C SER A 333 5.47 -21.53 -29.56
N ILE A 334 4.45 -20.74 -29.25
CA ILE A 334 4.59 -19.33 -28.92
C ILE A 334 3.84 -19.05 -27.63
N PHE A 335 4.25 -17.98 -26.95
CA PHE A 335 3.53 -17.55 -25.76
C PHE A 335 2.46 -16.52 -26.13
N TRP A 336 1.52 -16.32 -25.23
CA TRP A 336 0.29 -15.61 -25.56
C TRP A 336 -0.03 -14.54 -24.52
N ILE A 337 -0.50 -13.40 -25.01
CA ILE A 337 -1.09 -12.36 -24.17
C ILE A 337 -2.37 -11.89 -24.86
N ILE A 338 -3.52 -12.29 -24.32
CA ILE A 338 -4.82 -11.90 -24.86
C ILE A 338 -5.52 -11.01 -23.84
N HIS A 339 -6.04 -9.89 -24.30
CA HIS A 339 -6.79 -9.01 -23.43
C HIS A 339 -8.03 -9.73 -22.92
N PRO A 340 -8.17 -9.91 -21.60
CA PRO A 340 -9.31 -10.67 -21.09
C PRO A 340 -10.55 -9.83 -20.90
N GLY A 341 -10.84 -8.95 -21.86
CA GLY A 341 -12.02 -8.12 -21.76
C GLY A 341 -13.30 -8.93 -21.60
N MET A 342 -13.39 -10.05 -22.31
CA MET A 342 -14.51 -10.98 -22.18
C MET A 342 -13.94 -12.38 -22.01
N PRO A 343 -14.13 -13.01 -20.85
CA PRO A 343 -13.53 -14.34 -20.64
C PRO A 343 -13.97 -15.37 -21.65
N ALA A 344 -15.18 -15.24 -22.21
CA ALA A 344 -15.64 -16.17 -23.22
C ALA A 344 -14.74 -16.14 -24.46
N ILE A 345 -14.09 -15.02 -24.72
CA ILE A 345 -13.17 -14.94 -25.84
C ILE A 345 -11.92 -15.76 -25.57
N LEU A 346 -11.49 -15.84 -24.31
CA LEU A 346 -10.35 -16.67 -23.96
C LEU A 346 -10.65 -18.15 -24.20
N ASP A 347 -11.86 -18.59 -23.84
CA ASP A 347 -12.21 -20.01 -24.00
C ASP A 347 -12.36 -20.37 -25.47
N GLN A 348 -13.07 -19.54 -26.24
CA GLN A 348 -13.32 -19.86 -27.64
C GLN A 348 -12.03 -19.86 -28.46
N THR A 349 -11.13 -18.92 -28.17
CA THR A 349 -9.85 -18.90 -28.87
C THR A 349 -9.00 -20.08 -28.46
N GLU A 350 -9.02 -20.44 -27.16
CA GLU A 350 -8.31 -21.62 -26.70
C GLU A 350 -8.76 -22.87 -27.44
N LYS A 351 -10.06 -23.00 -27.69
CA LYS A 351 -10.57 -24.14 -28.43
C LYS A 351 -10.22 -24.05 -29.91
N LEU A 352 -10.44 -22.89 -30.52
CA LEU A 352 -10.44 -22.79 -31.99
C LEU A 352 -9.08 -23.09 -32.58
N LEU A 353 -8.01 -22.69 -31.90
CA LEU A 353 -6.65 -23.01 -32.34
C LEU A 353 -6.03 -24.12 -31.50
N GLN A 354 -6.81 -24.73 -30.60
CA GLN A 354 -6.40 -25.91 -29.84
C GLN A 354 -5.09 -25.66 -29.10
N LEU A 355 -5.18 -24.76 -28.14
CA LEU A 355 -4.03 -24.37 -27.33
C LEU A 355 -3.94 -25.24 -26.09
N ASP A 356 -2.71 -25.50 -25.65
CA ASP A 356 -2.47 -26.04 -24.32
C ASP A 356 -3.14 -25.14 -23.30
N LYS A 357 -3.80 -25.75 -22.31
CA LYS A 357 -4.47 -24.96 -21.28
C LYS A 357 -3.51 -24.05 -20.52
N GLU A 358 -2.22 -24.40 -20.47
CA GLU A 358 -1.23 -23.59 -19.78
C GLU A 358 -0.77 -22.38 -20.59
N LYS A 359 -1.17 -22.26 -21.85
CA LYS A 359 -0.73 -21.12 -22.66
C LYS A 359 -1.32 -19.83 -22.14
N LEU A 360 -2.63 -19.80 -21.89
CA LEU A 360 -3.32 -18.62 -21.37
C LEU A 360 -3.30 -18.56 -19.84
N LYS A 361 -2.30 -19.16 -19.21
CA LYS A 361 -2.26 -19.21 -17.75
C LYS A 361 -2.07 -17.82 -17.15
N ALA A 362 -1.07 -17.08 -17.65
CA ALA A 362 -0.83 -15.73 -17.13
C ALA A 362 -2.01 -14.81 -17.43
N THR A 363 -2.65 -14.97 -18.58
CA THR A 363 -3.81 -14.15 -18.92
C THR A 363 -4.93 -14.35 -17.90
N ARG A 364 -5.27 -15.62 -17.61
CA ARG A 364 -6.37 -15.89 -16.69
C ARG A 364 -6.00 -15.53 -15.25
N HIS A 365 -4.71 -15.54 -14.92
CA HIS A 365 -4.30 -15.16 -13.57
C HIS A 365 -4.58 -13.68 -13.31
N VAL A 366 -4.19 -12.81 -14.25
CA VAL A 366 -4.44 -11.38 -14.10
C VAL A 366 -5.93 -11.10 -14.05
N LEU A 367 -6.70 -11.73 -14.95
CA LEU A 367 -8.15 -11.57 -14.93
C LEU A 367 -8.73 -11.98 -13.60
N SER A 368 -8.28 -13.13 -13.06
CA SER A 368 -8.79 -13.60 -11.77
C SER A 368 -8.37 -12.67 -10.65
N GLU A 369 -7.12 -12.20 -10.66
CA GLU A 369 -6.58 -11.43 -9.55
C GLU A 369 -6.84 -9.93 -9.65
N PHE A 370 -7.11 -9.41 -10.85
CA PHE A 370 -7.22 -7.95 -11.00
C PHE A 370 -8.39 -7.49 -11.85
N GLY A 371 -8.99 -8.33 -12.68
CA GLY A 371 -10.08 -7.90 -13.52
C GLY A 371 -9.60 -7.23 -14.80
N ASN A 372 -10.49 -6.43 -15.38
CA ASN A 372 -10.21 -5.69 -16.60
C ASN A 372 -9.79 -4.28 -16.22
N MET A 373 -8.53 -3.96 -16.45
CA MET A 373 -7.98 -2.64 -16.17
C MET A 373 -7.68 -1.88 -17.45
N TRP A 374 -8.57 -1.99 -18.43
CA TRP A 374 -8.48 -1.24 -19.69
C TRP A 374 -7.12 -1.53 -20.33
N SER A 375 -6.34 -0.51 -20.68
CA SER A 375 -5.10 -0.72 -21.41
C SER A 375 -4.01 -1.37 -20.56
N ALA A 376 -4.09 -1.26 -19.23
CA ALA A 376 -3.03 -1.80 -18.39
C ALA A 376 -3.06 -3.33 -18.31
N THR A 377 -4.19 -3.95 -18.68
CA THR A 377 -4.37 -5.37 -18.42
C THR A 377 -3.34 -6.23 -19.14
N VAL A 378 -3.12 -5.96 -20.43
CA VAL A 378 -2.19 -6.79 -21.20
C VAL A 378 -0.75 -6.58 -20.76
N LEU A 379 -0.43 -5.41 -20.20
CA LEU A 379 0.91 -5.21 -19.67
C LEU A 379 1.06 -5.88 -18.31
N PHE A 380 0.00 -5.91 -17.52
CA PHE A 380 -0.03 -6.76 -16.33
C PHE A 380 0.26 -8.21 -16.69
N ILE A 381 -0.37 -8.70 -17.76
CA ILE A 381 -0.20 -10.09 -18.16
C ILE A 381 1.23 -10.34 -18.65
N LEU A 382 1.79 -9.39 -19.40
CA LEU A 382 3.17 -9.54 -19.85
C LEU A 382 4.14 -9.62 -18.67
N ASP A 383 3.85 -8.92 -17.58
CA ASP A 383 4.71 -8.97 -16.41
C ASP A 383 4.53 -10.27 -15.65
N GLN A 384 3.29 -10.71 -15.47
CA GLN A 384 3.03 -11.99 -14.83
C GLN A 384 3.65 -13.13 -15.62
N LEU A 385 3.57 -13.06 -16.95
CA LEU A 385 4.21 -14.07 -17.79
C LEU A 385 5.72 -14.07 -17.59
N ARG A 386 6.33 -12.88 -17.51
CA ARG A 386 7.76 -12.79 -17.24
C ARG A 386 8.10 -13.38 -15.87
N LYS A 387 7.32 -13.03 -14.85
CA LYS A 387 7.59 -13.52 -13.51
C LYS A 387 7.40 -15.04 -13.42
N GLY A 388 6.35 -15.55 -14.08
CA GLY A 388 6.10 -16.98 -14.04
C GLY A 388 7.20 -17.79 -14.72
N ALA A 389 7.74 -17.27 -15.82
CA ALA A 389 8.83 -17.97 -16.50
C ALA A 389 10.08 -17.99 -15.64
N VAL A 390 10.38 -16.89 -14.95
CA VAL A 390 11.55 -16.84 -14.07
C VAL A 390 11.33 -17.74 -12.85
N ALA A 391 10.13 -17.70 -12.27
CA ALA A 391 9.86 -18.49 -11.07
C ALA A 391 9.94 -19.99 -11.38
N GLU A 392 9.16 -20.45 -12.36
CA GLU A 392 9.17 -21.86 -12.73
C GLU A 392 10.45 -22.28 -13.45
N GLY A 393 11.41 -21.37 -13.63
CA GLY A 393 12.71 -21.70 -14.17
C GLY A 393 12.69 -22.23 -15.59
N LYS A 394 12.41 -21.38 -16.56
CA LYS A 394 12.38 -21.77 -17.96
C LYS A 394 13.44 -20.99 -18.74
N SER A 395 13.69 -21.44 -19.97
CA SER A 395 14.85 -20.95 -20.71
C SER A 395 14.68 -19.53 -21.20
N THR A 396 13.44 -19.11 -21.48
CA THR A 396 13.18 -17.77 -22.03
C THR A 396 12.23 -17.01 -21.13
N THR A 397 12.23 -15.68 -21.28
CA THR A 397 11.20 -14.87 -20.62
C THR A 397 9.82 -15.13 -21.20
N GLY A 398 9.75 -15.77 -22.37
CA GLY A 398 8.48 -16.16 -22.94
C GLY A 398 8.13 -17.61 -22.66
N GLU A 399 8.41 -18.06 -21.44
CA GLU A 399 8.03 -19.39 -20.95
C GLU A 399 8.69 -20.51 -21.74
N GLY A 400 9.88 -20.26 -22.29
CA GLY A 400 10.60 -21.23 -23.07
C GLY A 400 10.43 -21.08 -24.57
N CYS A 401 9.33 -20.47 -25.01
CA CYS A 401 9.13 -20.22 -26.42
C CYS A 401 9.95 -19.03 -26.88
N GLU A 402 10.18 -18.95 -28.19
CA GLU A 402 10.96 -17.86 -28.76
C GLU A 402 10.10 -16.67 -29.17
N TRP A 403 8.95 -16.93 -29.79
CA TRP A 403 8.08 -15.87 -30.27
C TRP A 403 6.80 -15.84 -29.44
N GLY A 404 6.10 -14.70 -29.52
CA GLY A 404 4.85 -14.52 -28.81
C GLY A 404 4.03 -13.43 -29.44
N VAL A 405 2.73 -13.48 -29.18
CA VAL A 405 1.79 -12.51 -29.73
C VAL A 405 1.04 -11.83 -28.59
N LEU A 406 0.87 -10.52 -28.71
CA LEU A 406 0.02 -9.74 -27.82
C LEU A 406 -1.17 -9.23 -28.62
N PHE A 407 -2.36 -9.34 -28.04
CA PHE A 407 -3.60 -9.07 -28.77
C PHE A 407 -4.59 -8.42 -27.83
N SER A 408 -4.99 -7.19 -28.13
CA SER A 408 -6.05 -6.51 -27.41
C SER A 408 -7.02 -5.89 -28.40
N PHE A 409 -8.17 -5.46 -27.91
CA PHE A 409 -9.27 -5.05 -28.77
C PHE A 409 -10.17 -4.08 -28.02
N GLY A 410 -10.95 -3.33 -28.79
CA GLY A 410 -11.86 -2.34 -28.24
C GLY A 410 -12.67 -1.62 -29.30
N PRO A 411 -13.10 -0.39 -28.99
CA PRO A 411 -14.01 0.33 -29.89
C PRO A 411 -13.44 0.48 -31.29
N GLY A 412 -14.27 0.18 -32.28
CA GLY A 412 -13.82 0.17 -33.66
C GLY A 412 -14.76 -0.55 -34.61
N PHE A 413 -14.81 -1.88 -34.59
CA PHE A 413 -14.08 -2.72 -33.63
C PHE A 413 -12.60 -2.82 -33.97
N THR A 414 -11.77 -2.32 -33.07
CA THR A 414 -10.34 -2.19 -33.29
C THR A 414 -9.61 -3.38 -32.68
N VAL A 415 -8.54 -3.81 -33.35
CA VAL A 415 -7.69 -4.90 -32.89
C VAL A 415 -6.25 -4.43 -32.94
N GLU A 416 -5.53 -4.57 -31.82
CA GLU A 416 -4.12 -4.26 -31.75
C GLU A 416 -3.33 -5.55 -31.57
N THR A 417 -2.32 -5.74 -32.42
CA THR A 417 -1.56 -6.99 -32.46
C THR A 417 -0.07 -6.67 -32.46
N VAL A 418 0.67 -7.30 -31.54
CA VAL A 418 2.10 -7.08 -31.39
C VAL A 418 2.81 -8.42 -31.43
N LEU A 419 3.89 -8.49 -32.20
CA LEU A 419 4.74 -9.67 -32.26
C LEU A 419 5.93 -9.46 -31.34
N LEU A 420 6.08 -10.33 -30.35
CA LEU A 420 7.14 -10.24 -29.36
C LEU A 420 8.17 -11.35 -29.58
N ARG A 421 9.41 -11.04 -29.23
CA ARG A 421 10.48 -12.02 -29.18
C ARG A 421 11.04 -12.04 -27.76
N SER A 422 11.08 -13.22 -27.16
CA SER A 422 11.58 -13.37 -25.80
C SER A 422 13.10 -13.26 -25.79
N VAL A 423 13.68 -13.33 -24.58
CA VAL A 423 15.12 -13.33 -24.40
C VAL A 423 15.50 -14.45 -23.45
N ALA A 424 16.75 -14.88 -23.54
CA ALA A 424 17.23 -15.95 -22.68
C ALA A 424 17.31 -15.48 -21.23
N THR A 425 17.14 -16.42 -20.30
CA THR A 425 17.16 -16.11 -18.88
C THR A 425 18.48 -16.51 -18.23
N GLU B 41 33.17 -20.22 14.31
CA GLU B 41 33.08 -21.24 13.27
C GLU B 41 32.12 -20.81 12.17
N TRP B 42 31.77 -21.75 11.28
CA TRP B 42 30.87 -21.50 10.18
C TRP B 42 29.76 -22.53 10.20
N VAL B 43 28.56 -22.11 9.79
CA VAL B 43 27.39 -22.96 9.80
C VAL B 43 26.69 -22.90 8.45
N ARG B 44 26.01 -23.99 8.11
CA ARG B 44 25.32 -24.06 6.83
C ARG B 44 24.05 -23.21 6.87
N LYS B 45 23.82 -22.44 5.79
CA LYS B 45 22.68 -21.55 5.74
C LYS B 45 21.37 -22.33 5.78
N ALA B 46 21.14 -23.17 4.78
CA ALA B 46 19.95 -24.03 4.68
C ALA B 46 18.72 -23.13 4.67
N ASP B 47 17.81 -23.23 5.63
CA ASP B 47 16.55 -22.49 5.61
C ASP B 47 16.59 -21.18 6.38
N ARG B 48 17.74 -20.80 6.92
CA ARG B 48 17.86 -19.56 7.66
C ARG B 48 18.34 -18.43 6.74
N ALA B 49 18.32 -17.21 7.28
CA ALA B 49 18.83 -16.04 6.58
C ALA B 49 20.25 -15.74 7.04
N ALA B 50 20.96 -14.96 6.22
CA ALA B 50 22.39 -14.73 6.44
C ALA B 50 22.65 -13.56 7.39
N GLY B 51 22.13 -12.38 7.06
CA GLY B 51 22.51 -11.17 7.76
C GLY B 51 21.49 -10.69 8.77
N PRO B 52 21.70 -9.49 9.28
CA PRO B 52 20.84 -8.95 10.34
C PRO B 52 19.50 -8.45 9.80
N ALA B 53 18.49 -8.52 10.66
CA ALA B 53 17.17 -8.03 10.30
C ALA B 53 17.20 -6.51 10.12
N ALA B 54 16.50 -6.04 9.10
CA ALA B 54 16.49 -4.63 8.75
C ALA B 54 15.07 -4.17 8.49
N VAL B 55 14.80 -2.91 8.83
CA VAL B 55 13.51 -2.30 8.53
C VAL B 55 13.51 -1.90 7.06
N LEU B 56 12.52 -2.39 6.32
CA LEU B 56 12.43 -2.14 4.88
C LEU B 56 11.37 -1.11 4.51
N ALA B 57 10.44 -0.80 5.42
CA ALA B 57 9.37 0.15 5.16
C ALA B 57 8.71 0.54 6.47
N MET B 58 8.22 1.77 6.54
CA MET B 58 7.51 2.28 7.70
C MET B 58 6.38 3.20 7.23
N ALA B 59 5.31 3.24 8.02
CA ALA B 59 4.19 4.11 7.77
C ALA B 59 3.29 4.12 8.99
N THR B 60 2.55 5.22 9.16
CA THR B 60 1.67 5.42 10.29
C THR B 60 0.27 5.76 9.79
N ALA B 61 -0.65 5.93 10.74
CA ALA B 61 -2.03 6.29 10.46
C ALA B 61 -2.73 6.63 11.76
N ASN B 62 -3.76 7.46 11.67
CA ASN B 62 -4.55 7.89 12.81
C ASN B 62 -6.00 7.98 12.39
N PRO B 63 -6.93 7.88 13.34
CA PRO B 63 -8.32 8.22 13.02
C PRO B 63 -8.43 9.70 12.67
N SER B 64 -9.43 10.01 11.83
CA SER B 64 -9.57 11.37 11.32
C SER B 64 -9.83 12.36 12.46
N ASN B 65 -10.76 12.03 13.35
CA ASN B 65 -11.12 12.93 14.44
C ASN B 65 -9.94 13.15 15.36
N PHE B 66 -9.70 14.41 15.72
CA PHE B 66 -8.63 14.79 16.62
C PHE B 66 -9.09 15.97 17.47
N TYR B 67 -8.46 16.11 18.64
CA TYR B 67 -8.78 17.20 19.55
C TYR B 67 -7.51 17.97 19.87
N LEU B 68 -7.61 19.30 19.83
CA LEU B 68 -6.51 20.15 20.28
C LEU B 68 -6.49 20.18 21.79
N GLN B 69 -5.29 20.14 22.37
CA GLN B 69 -5.17 20.02 23.82
C GLN B 69 -5.75 21.24 24.54
N SER B 70 -5.73 22.41 23.89
CA SER B 70 -6.33 23.59 24.49
C SER B 70 -7.86 23.48 24.56
N ASP B 71 -8.46 22.75 23.63
CA ASP B 71 -9.90 22.55 23.62
C ASP B 71 -10.35 21.31 24.40
N PHE B 72 -9.41 20.51 24.90
CA PHE B 72 -9.74 19.21 25.48
C PHE B 72 -10.40 19.29 26.85
N PRO B 73 -9.87 20.08 27.81
CA PRO B 73 -10.52 20.12 29.13
C PRO B 73 -11.99 20.51 29.08
N ASP B 74 -12.36 21.41 28.15
CA ASP B 74 -13.76 21.75 27.98
C ASP B 74 -14.55 20.59 27.43
N PHE B 75 -14.01 19.91 26.41
CA PHE B 75 -14.68 18.76 25.82
C PHE B 75 -14.78 17.61 26.82
N TYR B 76 -13.67 17.30 27.49
CA TYR B 76 -13.61 16.12 28.35
C TYR B 76 -14.61 16.25 29.51
N PHE B 77 -14.63 17.41 30.16
CA PHE B 77 -15.54 17.61 31.28
C PHE B 77 -16.98 17.86 30.84
N ARG B 78 -17.22 18.07 29.55
CA ARG B 78 -18.58 18.25 29.05
C ARG B 78 -19.25 16.91 28.74
N VAL B 79 -18.61 16.08 27.91
CA VAL B 79 -19.21 14.80 27.51
C VAL B 79 -19.15 13.78 28.64
N THR B 80 -18.20 13.90 29.57
CA THR B 80 -18.22 13.06 30.75
C THR B 80 -19.17 13.58 31.83
N ARG B 81 -19.91 14.64 31.53
CA ARG B 81 -20.92 15.20 32.44
C ARG B 81 -20.30 15.55 33.80
N SER B 82 -19.21 16.31 33.76
CA SER B 82 -18.51 16.62 35.01
C SER B 82 -18.03 18.07 35.06
N ASP B 83 -18.61 18.98 34.29
CA ASP B 83 -18.15 20.36 34.39
C ASP B 83 -18.59 21.04 35.68
N HIS B 84 -19.38 20.36 36.53
CA HIS B 84 -19.58 20.85 37.88
C HIS B 84 -18.27 20.81 38.66
N MET B 85 -17.38 19.90 38.30
CA MET B 85 -16.09 19.78 39.00
C MET B 85 -15.21 20.98 38.69
N SER B 86 -15.64 22.14 39.18
CA SER B 86 -14.84 23.36 39.25
C SER B 86 -13.38 23.05 39.53
N ASP B 87 -13.13 22.20 40.53
CA ASP B 87 -11.79 21.90 41.01
C ASP B 87 -10.96 21.18 39.95
N LEU B 88 -11.42 19.99 39.54
CA LEU B 88 -10.64 19.14 38.66
C LEU B 88 -10.54 19.72 37.26
N LYS B 89 -11.54 20.47 36.81
CA LYS B 89 -11.47 21.09 35.50
C LYS B 89 -10.28 22.02 35.41
N GLU B 90 -10.17 22.96 36.36
CA GLU B 90 -9.07 23.93 36.30
C GLU B 90 -7.72 23.27 36.55
N LYS B 91 -7.67 22.19 37.34
CA LYS B 91 -6.42 21.49 37.52
C LYS B 91 -6.13 20.56 36.35
N PHE B 92 -7.16 20.01 35.70
CA PHE B 92 -6.92 19.29 34.45
C PHE B 92 -6.33 20.21 33.40
N LYS B 93 -6.78 21.47 33.35
CA LYS B 93 -6.17 22.45 32.47
C LYS B 93 -4.69 22.62 32.77
N ARG B 94 -4.32 22.56 34.06
CA ARG B 94 -2.91 22.68 34.43
C ARG B 94 -2.10 21.48 33.96
N ILE B 95 -2.68 20.28 34.03
CA ILE B 95 -1.96 19.08 33.63
C ILE B 95 -1.79 19.05 32.11
N CYS B 96 -2.88 19.28 31.37
CA CYS B 96 -2.79 19.26 29.90
C CYS B 96 -1.82 20.32 29.39
N LYS B 97 -1.73 21.46 30.06
CA LYS B 97 -0.78 22.48 29.62
C LYS B 97 0.66 22.01 29.84
N LYS B 98 0.90 21.16 30.84
CA LYS B 98 2.25 20.68 31.10
C LYS B 98 2.60 19.47 30.26
N THR B 99 1.59 18.78 29.71
CA THR B 99 1.86 17.63 28.85
C THR B 99 2.67 18.00 27.62
N THR B 100 2.63 19.27 27.21
CA THR B 100 3.29 19.76 25.99
C THR B 100 2.79 19.02 24.75
N VAL B 101 1.53 18.60 24.77
CA VAL B 101 0.88 17.96 23.63
C VAL B 101 0.00 18.99 22.93
N ARG B 102 0.02 18.99 21.60
CA ARG B 102 -0.83 19.89 20.83
C ARG B 102 -2.16 19.23 20.50
N LYS B 103 -2.14 18.21 19.64
CA LYS B 103 -3.34 17.51 19.23
C LYS B 103 -3.17 16.01 19.39
N ARG B 104 -4.29 15.33 19.61
CA ARG B 104 -4.34 13.88 19.75
C ARG B 104 -5.52 13.35 18.95
N HIS B 105 -5.26 12.39 18.07
CA HIS B 105 -6.32 11.76 17.31
C HIS B 105 -7.02 10.71 18.17
N MET B 106 -8.34 10.66 18.06
CA MET B 106 -9.16 9.78 18.90
C MET B 106 -10.31 9.22 18.10
N ILE B 107 -10.61 7.94 18.33
CA ILE B 107 -11.79 7.33 17.71
C ILE B 107 -13.06 7.83 18.38
N LEU B 108 -13.04 7.96 19.71
CA LEU B 108 -14.21 8.38 20.45
C LEU B 108 -14.52 9.85 20.17
N THR B 109 -15.72 10.11 19.66
CA THR B 109 -16.21 11.45 19.45
C THR B 109 -17.48 11.66 20.27
N GLU B 110 -17.93 12.92 20.31
CA GLU B 110 -19.06 13.27 21.16
C GLU B 110 -20.31 12.45 20.82
N GLU B 111 -20.51 12.16 19.53
CA GLU B 111 -21.66 11.35 19.14
C GLU B 111 -21.49 9.90 19.59
N ILE B 112 -20.27 9.37 19.50
CA ILE B 112 -20.02 7.99 19.91
C ILE B 112 -20.14 7.85 21.42
N LEU B 113 -19.59 8.81 22.17
CA LEU B 113 -19.65 8.74 23.62
C LEU B 113 -21.09 8.90 24.11
N ASN B 114 -21.88 9.73 23.43
CA ASN B 114 -23.29 9.86 23.79
C ASN B 114 -24.07 8.58 23.48
N LYS B 115 -23.67 7.86 22.42
CA LYS B 115 -24.32 6.60 22.09
C LYS B 115 -23.85 5.44 22.97
N ASN B 116 -22.75 5.62 23.69
CA ASN B 116 -22.24 4.62 24.63
C ASN B 116 -21.91 5.32 25.94
N PRO B 117 -22.93 5.77 26.67
CA PRO B 117 -22.66 6.63 27.85
C PRO B 117 -21.90 5.94 28.96
N ALA B 118 -21.92 4.61 29.04
CA ALA B 118 -21.18 3.90 30.07
C ALA B 118 -19.67 4.11 29.94
N ILE B 119 -19.19 4.42 28.73
CA ILE B 119 -17.76 4.66 28.55
C ILE B 119 -17.36 6.00 29.17
N ALA B 120 -18.23 7.01 29.06
CA ALA B 120 -17.93 8.32 29.60
C ALA B 120 -17.96 8.35 31.12
N ASP B 121 -18.69 7.42 31.75
CA ASP B 121 -18.70 7.35 33.21
C ASP B 121 -17.32 6.97 33.73
N TYR B 122 -17.08 7.24 35.01
CA TYR B 122 -15.81 6.87 35.61
C TYR B 122 -15.67 5.37 35.77
N TRP B 123 -16.77 4.66 36.06
CA TRP B 123 -16.71 3.24 36.34
C TRP B 123 -18.12 2.67 36.21
N SER B 124 -18.44 2.11 35.03
CA SER B 124 -19.72 1.45 34.79
C SER B 124 -19.50 0.35 33.77
N PRO B 125 -20.23 -0.78 33.88
CA PRO B 125 -20.03 -1.89 32.95
C PRO B 125 -20.10 -1.47 31.48
N SER B 126 -18.95 -1.56 30.80
CA SER B 126 -18.89 -1.13 29.41
C SER B 126 -17.89 -1.91 28.57
N LEU B 127 -17.35 -3.03 29.08
CA LEU B 127 -16.29 -3.73 28.36
C LEU B 127 -16.77 -4.26 27.02
N ALA B 128 -18.02 -4.72 26.94
CA ALA B 128 -18.54 -5.26 25.70
C ALA B 128 -18.62 -4.18 24.62
N ALA B 129 -19.13 -3.00 24.97
CA ALA B 129 -19.18 -1.91 24.01
C ALA B 129 -17.80 -1.40 23.65
N ARG B 130 -16.86 -1.44 24.61
CA ARG B 130 -15.48 -1.05 24.30
C ARG B 130 -14.85 -2.02 23.32
N HIS B 131 -15.10 -3.33 23.50
CA HIS B 131 -14.52 -4.32 22.61
C HIS B 131 -15.18 -4.31 21.25
N ASP B 132 -16.46 -3.94 21.18
CA ASP B 132 -17.11 -3.79 19.88
C ASP B 132 -16.52 -2.63 19.09
N LEU B 133 -16.21 -1.53 19.78
CA LEU B 133 -15.51 -0.43 19.12
C LEU B 133 -14.11 -0.84 18.68
N ALA B 134 -13.46 -1.72 19.46
CA ALA B 134 -12.13 -2.20 19.09
C ALA B 134 -12.18 -3.08 17.85
N LEU B 135 -13.18 -3.95 17.77
CA LEU B 135 -13.31 -4.86 16.63
C LEU B 135 -13.57 -4.09 15.34
N ALA B 136 -14.20 -2.92 15.43
CA ALA B 136 -14.56 -2.13 14.25
C ALA B 136 -13.56 -1.03 13.93
N ASN B 137 -12.45 -0.95 14.67
CA ASN B 137 -11.51 0.16 14.46
C ASN B 137 -10.06 -0.28 14.46
N ILE B 138 -9.69 -1.16 15.38
CA ILE B 138 -8.28 -1.50 15.62
C ILE B 138 -7.66 -2.21 14.42
N PRO B 139 -8.24 -3.30 13.89
CA PRO B 139 -7.62 -3.90 12.71
C PRO B 139 -7.72 -3.02 11.49
N GLN B 140 -8.77 -2.22 11.37
CA GLN B 140 -8.90 -1.29 10.25
C GLN B 140 -7.83 -0.21 10.32
N LEU B 141 -7.56 0.32 11.52
CA LEU B 141 -6.51 1.31 11.66
C LEU B 141 -5.15 0.74 11.33
N GLY B 142 -4.92 -0.55 11.62
CA GLY B 142 -3.66 -1.17 11.27
C GLY B 142 -3.53 -1.45 9.79
N LYS B 143 -4.65 -1.72 9.12
CA LYS B 143 -4.64 -1.89 7.67
C LYS B 143 -4.28 -0.58 6.97
N GLU B 144 -4.76 0.55 7.51
CA GLU B 144 -4.41 1.84 6.93
C GLU B 144 -2.91 2.07 7.00
N ALA B 145 -2.28 1.75 8.13
CA ALA B 145 -0.84 1.92 8.23
C ALA B 145 -0.11 0.86 7.42
N ALA B 146 -0.65 -0.36 7.38
CA ALA B 146 0.04 -1.45 6.66
C ALA B 146 0.04 -1.21 5.16
N ASP B 147 -1.08 -0.74 4.61
CA ASP B 147 -1.15 -0.47 3.18
C ASP B 147 -0.11 0.57 2.76
N LYS B 148 0.02 1.65 3.52
CA LYS B 148 1.03 2.66 3.19
C LYS B 148 2.43 2.10 3.33
N ALA B 149 2.67 1.21 4.30
CA ALA B 149 3.98 0.61 4.44
C ALA B 149 4.27 -0.35 3.30
N ILE B 150 3.27 -1.14 2.90
CA ILE B 150 3.46 -2.08 1.80
C ILE B 150 3.70 -1.33 0.49
N LYS B 151 3.03 -0.19 0.30
CA LYS B 151 3.26 0.62 -0.88
C LYS B 151 4.71 1.09 -0.95
N GLU B 152 5.23 1.61 0.17
CA GLU B 152 6.63 2.02 0.20
C GLU B 152 7.55 0.83 -0.03
N TRP B 153 7.21 -0.32 0.56
CA TRP B 153 8.00 -1.54 0.37
C TRP B 153 8.11 -1.90 -1.10
N GLY B 154 6.98 -2.00 -1.79
CA GLY B 154 6.97 -2.22 -3.22
C GLY B 154 6.92 -3.66 -3.67
N GLN B 155 6.61 -4.60 -2.78
CA GLN B 155 6.54 -6.01 -3.10
C GLN B 155 5.13 -6.54 -2.90
N PRO B 156 4.79 -7.67 -3.52
CA PRO B 156 3.43 -8.22 -3.35
C PRO B 156 3.16 -8.68 -1.94
N LYS B 157 1.89 -8.56 -1.53
CA LYS B 157 1.48 -8.99 -0.20
C LYS B 157 1.67 -10.49 0.01
N SER B 158 1.80 -11.25 -1.08
CA SER B 158 2.07 -12.68 -0.96
C SER B 158 3.48 -12.97 -0.45
N LYS B 159 4.37 -11.97 -0.49
CA LYS B 159 5.72 -12.15 0.02
C LYS B 159 5.81 -12.04 1.54
N ILE B 160 4.75 -11.61 2.20
CA ILE B 160 4.75 -11.42 3.64
C ILE B 160 4.52 -12.78 4.30
N THR B 161 5.49 -13.22 5.10
CA THR B 161 5.46 -14.54 5.72
C THR B 161 5.01 -14.52 7.19
N HIS B 162 5.30 -13.45 7.92
CA HIS B 162 4.98 -13.36 9.33
C HIS B 162 4.19 -12.09 9.61
N LEU B 163 3.45 -12.09 10.72
CA LEU B 163 2.71 -10.91 11.16
C LEU B 163 2.81 -10.82 12.67
N VAL B 164 3.29 -9.68 13.16
CA VAL B 164 3.33 -9.37 14.58
C VAL B 164 2.35 -8.23 14.83
N PHE B 165 1.42 -8.43 15.77
CA PHE B 165 0.37 -7.47 16.06
C PHE B 165 0.33 -7.22 17.56
N CYS B 166 0.52 -5.96 17.97
CA CYS B 166 0.41 -5.56 19.36
C CYS B 166 -0.74 -4.57 19.52
N THR B 167 -1.52 -4.76 20.58
CA THR B 167 -2.53 -3.78 20.96
C THR B 167 -2.92 -3.99 22.41
N SER B 168 -3.09 -2.88 23.13
CA SER B 168 -3.64 -2.89 24.48
C SER B 168 -5.02 -2.24 24.52
N ALA B 169 -5.71 -2.19 23.37
CA ALA B 169 -6.98 -1.49 23.24
C ALA B 169 -8.16 -2.42 23.14
N GLY B 170 -7.95 -3.73 23.15
CA GLY B 170 -9.06 -4.65 23.05
C GLY B 170 -8.64 -6.09 22.82
N VAL B 171 -8.98 -6.96 23.76
CA VAL B 171 -8.68 -8.39 23.64
C VAL B 171 -9.81 -9.03 22.84
N LEU B 172 -9.48 -9.52 21.65
CA LEU B 172 -10.46 -10.13 20.76
C LEU B 172 -10.07 -11.56 20.45
N MET B 173 -11.07 -12.40 20.26
CA MET B 173 -10.87 -13.82 19.97
C MET B 173 -11.78 -14.22 18.81
N PRO B 174 -11.24 -14.41 17.59
CA PRO B 174 -9.83 -14.27 17.21
C PRO B 174 -9.34 -12.83 17.26
N GLY B 175 -8.03 -12.65 17.35
CA GLY B 175 -7.45 -11.35 17.59
C GLY B 175 -7.38 -10.48 16.35
N ALA B 176 -6.97 -9.23 16.55
CA ALA B 176 -6.82 -8.30 15.45
C ALA B 176 -5.80 -8.79 14.43
N ASP B 177 -4.87 -9.67 14.83
CA ASP B 177 -3.95 -10.25 13.86
C ASP B 177 -4.71 -11.06 12.81
N TYR B 178 -5.72 -11.81 13.24
CA TYR B 178 -6.55 -12.55 12.29
C TYR B 178 -7.41 -11.60 11.45
N GLN B 179 -7.99 -10.57 12.09
CA GLN B 179 -8.86 -9.65 11.36
C GLN B 179 -8.05 -8.83 10.36
N LEU B 180 -6.85 -8.40 10.74
CA LEU B 180 -5.99 -7.70 9.80
C LEU B 180 -5.59 -8.59 8.64
N THR B 181 -5.31 -9.87 8.93
CA THR B 181 -4.99 -10.81 7.86
C THR B 181 -6.13 -10.92 6.86
N MET B 182 -7.37 -10.89 7.35
CA MET B 182 -8.53 -10.99 6.45
C MET B 182 -8.74 -9.70 5.66
N LEU B 183 -8.57 -8.55 6.31
CA LEU B 183 -8.79 -7.27 5.63
C LEU B 183 -7.75 -7.04 4.54
N LEU B 184 -6.48 -7.36 4.82
CA LEU B 184 -5.42 -7.16 3.86
C LEU B 184 -5.36 -8.27 2.82
N GLY B 185 -5.94 -9.43 3.11
CA GLY B 185 -5.80 -10.56 2.20
C GLY B 185 -4.41 -11.16 2.19
N LEU B 186 -3.76 -11.25 3.34
CA LEU B 186 -2.47 -11.90 3.42
C LEU B 186 -2.64 -13.41 3.23
N ASN B 187 -1.52 -14.10 3.04
CA ASN B 187 -1.56 -15.54 2.87
C ASN B 187 -2.21 -16.19 4.08
N PRO B 188 -3.12 -17.16 3.90
CA PRO B 188 -3.70 -17.84 5.06
C PRO B 188 -2.70 -18.67 5.83
N SER B 189 -1.55 -19.00 5.23
CA SER B 189 -0.49 -19.74 5.88
C SER B 189 0.49 -18.83 6.63
N ILE B 190 0.13 -17.56 6.85
CA ILE B 190 1.03 -16.63 7.50
C ILE B 190 1.23 -17.02 8.96
N SER B 191 2.44 -16.80 9.47
CA SER B 191 2.77 -17.10 10.86
C SER B 191 2.50 -15.86 11.70
N ARG B 192 1.45 -15.90 12.51
CA ARG B 192 1.00 -14.74 13.24
C ARG B 192 1.44 -14.82 14.70
N LEU B 193 1.61 -13.64 15.30
CA LEU B 193 1.91 -13.52 16.72
C LEU B 193 1.12 -12.36 17.29
N MET B 194 0.10 -12.66 18.09
CA MET B 194 -0.80 -11.66 18.65
C MET B 194 -0.34 -11.31 20.07
N LEU B 195 0.03 -10.05 20.28
CA LEU B 195 0.55 -9.56 21.56
C LEU B 195 -0.50 -8.65 22.20
N HIS B 196 -1.27 -9.22 23.13
CA HIS B 196 -2.37 -8.52 23.79
C HIS B 196 -1.90 -7.86 25.08
N ASN B 197 -2.23 -6.57 25.24
CA ASN B 197 -2.12 -5.87 26.52
C ASN B 197 -0.76 -6.03 27.16
N LEU B 198 0.29 -5.74 26.39
CA LEU B 198 1.63 -5.67 26.93
C LEU B 198 1.97 -4.30 27.51
N GLY B 199 1.14 -3.30 27.27
CA GLY B 199 1.43 -1.97 27.76
C GLY B 199 2.21 -1.14 26.75
N CYS B 200 2.85 -0.10 27.28
CA CYS B 200 3.49 0.89 26.42
C CYS B 200 4.82 0.43 25.85
N TYR B 201 5.45 -0.57 26.45
CA TYR B 201 6.76 -1.00 25.97
C TYR B 201 6.68 -1.94 24.78
N ALA B 202 5.47 -2.35 24.37
CA ALA B 202 5.33 -3.40 23.37
C ALA B 202 5.92 -3.02 22.02
N GLY B 203 6.16 -1.73 21.78
CA GLY B 203 6.82 -1.34 20.54
C GLY B 203 8.22 -1.92 20.41
N GLY B 204 9.00 -1.85 21.50
CA GLY B 204 10.28 -2.54 21.52
C GLY B 204 10.15 -4.04 21.48
N THR B 205 9.09 -4.59 22.09
CA THR B 205 8.84 -6.02 22.03
C THR B 205 8.58 -6.48 20.61
N ALA B 206 7.83 -5.69 19.84
CA ALA B 206 7.55 -6.05 18.46
C ALA B 206 8.82 -6.08 17.62
N LEU B 207 9.72 -5.11 17.82
CA LEU B 207 11.00 -5.12 17.14
C LEU B 207 11.83 -6.32 17.57
N ARG B 208 11.84 -6.64 18.87
CA ARG B 208 12.60 -7.79 19.36
C ARG B 208 12.09 -9.09 18.74
N VAL B 209 10.77 -9.23 18.64
CA VAL B 209 10.20 -10.44 18.06
C VAL B 209 10.49 -10.53 16.56
N ALA B 210 10.34 -9.40 15.86
CA ALA B 210 10.55 -9.41 14.41
C ALA B 210 12.01 -9.72 14.06
N LYS B 211 12.94 -9.37 14.93
CA LYS B 211 14.35 -9.60 14.64
C LYS B 211 14.65 -11.09 14.51
N ASP B 212 14.13 -11.91 15.43
CA ASP B 212 14.37 -13.35 15.37
C ASP B 212 13.54 -14.01 14.29
N LEU B 213 12.32 -13.54 14.05
CA LEU B 213 11.50 -14.10 12.98
C LEU B 213 12.17 -13.95 11.61
N ALA B 214 12.87 -12.83 11.40
CA ALA B 214 13.47 -12.57 10.09
C ALA B 214 14.81 -13.26 9.93
N GLU B 215 15.66 -13.21 10.97
CA GLU B 215 17.02 -13.69 10.85
C GLU B 215 17.11 -15.22 10.82
N ASN B 216 16.06 -15.91 11.27
CA ASN B 216 16.08 -17.36 11.34
C ASN B 216 15.36 -18.04 10.20
N ASN B 217 14.68 -17.29 9.34
CA ASN B 217 13.90 -17.85 8.24
C ASN B 217 14.28 -17.13 6.95
N GLY B 218 14.97 -17.83 6.06
CA GLY B 218 15.42 -17.25 4.81
C GLY B 218 14.29 -16.77 3.93
N GLY B 219 14.37 -15.53 3.47
CA GLY B 219 13.33 -14.95 2.65
C GLY B 219 12.12 -14.43 3.39
N ALA B 220 12.06 -14.60 4.71
CA ALA B 220 10.88 -14.19 5.46
C ALA B 220 10.77 -12.67 5.49
N ARG B 221 9.54 -12.19 5.33
CA ARG B 221 9.23 -10.77 5.42
C ARG B 221 8.16 -10.58 6.48
N VAL B 222 8.48 -9.79 7.52
CA VAL B 222 7.65 -9.69 8.71
C VAL B 222 6.90 -8.38 8.69
N LEU B 223 5.58 -8.46 8.73
CA LEU B 223 4.73 -7.28 8.87
C LEU B 223 4.49 -7.03 10.35
N VAL B 224 5.00 -5.92 10.85
CA VAL B 224 4.82 -5.50 12.24
C VAL B 224 3.75 -4.43 12.28
N VAL B 225 2.73 -4.63 13.10
CA VAL B 225 1.63 -3.69 13.23
C VAL B 225 1.35 -3.44 14.71
N CYS B 226 1.48 -2.20 15.14
CA CYS B 226 1.04 -1.75 16.46
C CYS B 226 -0.09 -0.75 16.25
N SER B 227 -1.31 -1.16 16.60
CA SER B 227 -2.50 -0.32 16.45
C SER B 227 -3.10 -0.10 17.83
N GLU B 228 -3.06 1.14 18.31
CA GLU B 228 -3.47 1.45 19.66
C GLU B 228 -4.58 2.50 19.69
N ALA B 229 -5.32 2.50 20.79
CA ALA B 229 -6.42 3.43 21.01
C ALA B 229 -6.76 3.42 22.48
N ASN B 230 -7.47 4.46 22.94
CA ASN B 230 -7.85 4.57 24.34
C ASN B 230 -9.21 3.94 24.64
N LEU B 231 -9.66 2.98 23.82
CA LEU B 231 -10.99 2.42 23.98
C LEU B 231 -11.19 1.69 25.30
N LEU B 232 -10.12 1.20 25.92
CA LEU B 232 -10.24 0.56 27.22
C LEU B 232 -9.92 1.50 28.38
N ASN B 233 -9.13 2.55 28.14
CA ASN B 233 -8.65 3.40 29.21
C ASN B 233 -9.52 4.63 29.44
N PHE B 234 -10.22 5.10 28.42
CA PHE B 234 -10.98 6.34 28.54
C PHE B 234 -12.12 6.18 29.54
N ARG B 235 -12.27 7.17 30.41
CA ARG B 235 -13.33 7.18 31.41
C ARG B 235 -13.47 8.59 31.97
N GLY B 236 -14.54 8.80 32.74
CA GLY B 236 -14.78 10.07 33.38
C GLY B 236 -13.87 10.30 34.57
N PRO B 237 -13.83 11.54 35.03
CA PRO B 237 -12.94 11.90 36.13
C PRO B 237 -13.58 11.66 37.50
N SER B 238 -12.71 11.61 38.51
CA SER B 238 -13.12 11.48 39.90
C SER B 238 -11.93 11.72 40.82
N GLU B 239 -12.09 12.61 41.81
CA GLU B 239 -11.01 12.93 42.75
C GLU B 239 -10.53 11.72 43.53
N THR B 240 -11.22 10.58 43.44
CA THR B 240 -10.78 9.34 44.05
C THR B 240 -9.56 8.74 43.36
N HIS B 241 -9.13 9.33 42.25
CA HIS B 241 -8.14 8.70 41.38
C HIS B 241 -7.54 9.71 40.42
N ILE B 242 -6.49 10.42 40.86
CA ILE B 242 -5.90 11.43 40.00
C ILE B 242 -5.06 10.79 38.90
N ASP B 243 -4.40 9.66 39.20
CA ASP B 243 -3.63 8.95 38.18
C ASP B 243 -4.47 8.67 36.94
N ALA B 244 -5.73 8.30 37.14
CA ALA B 244 -6.61 8.05 36.00
C ALA B 244 -6.84 9.31 35.18
N LEU B 245 -6.94 10.45 35.84
CA LEU B 245 -7.14 11.71 35.11
C LEU B 245 -5.90 12.11 34.33
N ILE B 246 -4.71 11.86 34.90
CA ILE B 246 -3.49 12.23 34.19
C ILE B 246 -3.31 11.38 32.94
N THR B 247 -3.77 10.13 32.96
CA THR B 247 -3.71 9.32 31.74
C THR B 247 -4.66 9.85 30.68
N GLN B 248 -5.81 10.39 31.09
CA GLN B 248 -6.71 11.04 30.14
C GLN B 248 -6.08 12.26 29.48
N SER B 249 -4.92 12.71 29.97
CA SER B 249 -4.24 13.87 29.43
C SER B 249 -3.23 13.54 28.34
N LEU B 250 -2.82 12.28 28.22
CA LEU B 250 -1.69 11.93 27.37
C LEU B 250 -2.01 10.86 26.33
N PHE B 251 -2.86 9.91 26.69
CA PHE B 251 -3.11 8.77 25.81
C PHE B 251 -3.91 9.19 24.57
N ALA B 252 -3.69 8.48 23.48
CA ALA B 252 -4.30 8.81 22.19
C ALA B 252 -4.28 7.58 21.29
N ASP B 253 -4.89 7.71 20.12
CA ASP B 253 -5.03 6.62 19.18
C ASP B 253 -4.06 6.80 18.02
N GLY B 254 -3.72 5.67 17.38
CA GLY B 254 -2.77 5.66 16.28
C GLY B 254 -2.24 4.28 15.97
N ALA B 255 -1.73 4.09 14.76
CA ALA B 255 -1.24 2.79 14.33
C ALA B 255 0.02 2.96 13.50
N ALA B 256 0.98 2.07 13.70
CA ALA B 256 2.22 2.06 12.94
C ALA B 256 2.43 0.69 12.34
N ALA B 257 3.11 0.65 11.20
CA ALA B 257 3.33 -0.59 10.47
C ALA B 257 4.73 -0.61 9.87
N LEU B 258 5.40 -1.75 10.01
CA LEU B 258 6.75 -1.92 9.50
C LEU B 258 6.81 -3.19 8.64
N ILE B 259 7.81 -3.22 7.77
CA ILE B 259 8.21 -4.42 7.06
C ILE B 259 9.64 -4.74 7.49
N VAL B 260 9.83 -5.89 8.12
CA VAL B 260 11.15 -6.31 8.63
C VAL B 260 11.60 -7.52 7.84
N GLY B 261 12.88 -7.55 7.48
CA GLY B 261 13.42 -8.69 6.77
C GLY B 261 14.93 -8.69 6.80
N SER B 262 15.50 -9.86 6.52
CA SER B 262 16.93 -10.02 6.35
C SER B 262 17.24 -10.29 4.88
N ASP B 263 18.51 -10.09 4.52
CA ASP B 263 19.01 -10.29 3.17
C ASP B 263 18.16 -9.50 2.16
N PRO B 264 18.22 -8.18 2.17
CA PRO B 264 17.39 -7.41 1.24
C PRO B 264 17.92 -7.51 -0.18
N ASP B 265 16.99 -7.70 -1.13
CA ASP B 265 17.33 -7.66 -2.54
C ASP B 265 17.47 -6.20 -2.94
N LEU B 266 18.72 -5.74 -3.09
CA LEU B 266 18.99 -4.33 -3.30
C LEU B 266 18.47 -3.80 -4.62
N GLN B 267 17.99 -4.67 -5.52
CA GLN B 267 17.39 -4.20 -6.77
C GLN B 267 15.96 -3.70 -6.59
N THR B 268 15.26 -4.17 -5.56
CA THR B 268 13.87 -3.78 -5.34
C THR B 268 13.56 -3.33 -3.92
N GLU B 269 14.44 -3.61 -2.96
CA GLU B 269 14.19 -3.30 -1.56
C GLU B 269 15.28 -2.36 -1.04
N SER B 270 14.87 -1.35 -0.28
CA SER B 270 15.79 -0.35 0.26
C SER B 270 15.69 -0.30 1.77
N PRO B 271 16.67 -0.82 2.51
CA PRO B 271 16.59 -0.79 3.97
C PRO B 271 16.68 0.63 4.53
N LEU B 272 16.16 0.78 5.74
CA LEU B 272 16.16 2.05 6.46
C LEU B 272 16.93 1.99 7.76
N TYR B 273 16.81 0.90 8.51
CA TYR B 273 17.58 0.70 9.72
C TYR B 273 17.88 -0.79 9.86
N GLU B 274 18.88 -1.10 10.67
CA GLU B 274 19.25 -2.48 10.98
C GLU B 274 19.02 -2.73 12.47
N LEU B 275 18.38 -3.85 12.79
CA LEU B 275 18.17 -4.26 14.17
C LEU B 275 19.39 -5.05 14.62
N ILE B 276 20.26 -4.40 15.40
CA ILE B 276 21.53 -5.03 15.80
C ILE B 276 21.37 -5.85 17.07
N SER B 277 20.61 -5.34 18.04
CA SER B 277 20.33 -6.12 19.24
C SER B 277 19.04 -5.60 19.87
N ALA B 278 18.38 -6.47 20.62
CA ALA B 278 17.14 -6.14 21.30
C ALA B 278 17.10 -6.87 22.64
N SER B 279 16.85 -6.11 23.71
CA SER B 279 16.90 -6.65 25.06
C SER B 279 15.65 -6.25 25.83
N GLN B 280 15.33 -7.04 26.85
CA GLN B 280 14.30 -6.71 27.82
C GLN B 280 14.90 -6.79 29.21
N ARG B 281 14.41 -5.94 30.12
CA ARG B 281 14.96 -5.86 31.45
C ARG B 281 13.89 -5.46 32.45
N ILE B 282 13.93 -6.06 33.63
CA ILE B 282 13.06 -5.69 34.74
C ILE B 282 13.88 -4.81 35.69
N LEU B 283 13.40 -3.60 35.94
CA LEU B 283 14.18 -2.66 36.73
C LEU B 283 14.23 -3.08 38.19
N PRO B 284 15.39 -2.98 38.82
CA PRO B 284 15.47 -3.33 40.25
C PRO B 284 14.61 -2.39 41.09
N GLU B 285 13.90 -2.98 42.05
CA GLU B 285 13.07 -2.24 43.00
C GLU B 285 12.02 -1.39 42.29
N SER B 286 11.11 -2.09 41.57
CA SER B 286 10.08 -1.39 40.81
C SER B 286 8.78 -2.19 40.74
N GLU B 287 8.47 -2.97 41.78
CA GLU B 287 7.24 -3.72 41.80
C GLU B 287 6.04 -2.79 41.91
N ASP B 288 5.04 -3.02 41.06
CA ASP B 288 3.78 -2.26 41.08
C ASP B 288 4.02 -0.77 40.90
N ALA B 289 4.92 -0.43 39.97
CA ALA B 289 5.07 0.97 39.59
C ALA B 289 4.03 1.35 38.54
N ILE B 290 3.81 0.49 37.54
CA ILE B 290 2.71 0.62 36.60
C ILE B 290 1.95 -0.68 36.60
N VAL B 291 0.67 -0.64 37.00
CA VAL B 291 -0.19 -1.81 37.02
C VAL B 291 -1.54 -1.42 36.42
N GLY B 292 -2.07 -2.27 35.55
CA GLY B 292 -3.36 -2.01 34.94
C GLY B 292 -4.31 -3.18 35.06
N ARG B 293 -5.33 -3.03 35.90
CA ARG B 293 -6.33 -4.07 36.10
C ARG B 293 -7.43 -3.93 35.05
N LEU B 294 -7.73 -5.02 34.36
CA LEU B 294 -8.78 -5.04 33.34
C LEU B 294 -10.09 -5.40 34.03
N THR B 295 -10.93 -4.39 34.26
CA THR B 295 -12.13 -4.52 35.05
C THR B 295 -13.35 -4.73 34.15
N GLU B 296 -14.54 -4.72 34.76
CA GLU B 296 -15.77 -4.69 33.99
C GLU B 296 -15.96 -3.36 33.29
N ALA B 297 -15.35 -2.29 33.79
CA ALA B 297 -15.42 -0.97 33.19
C ALA B 297 -14.21 -0.66 32.32
N GLY B 298 -13.53 -1.69 31.80
CA GLY B 298 -12.34 -1.48 31.00
C GLY B 298 -11.06 -1.53 31.80
N LEU B 299 -10.02 -0.86 31.32
CA LEU B 299 -8.71 -0.87 31.95
C LEU B 299 -8.59 0.31 32.90
N VAL B 300 -8.24 0.01 34.15
CA VAL B 300 -8.04 1.02 35.19
C VAL B 300 -6.56 1.02 35.56
N PRO B 301 -5.87 2.16 35.48
CA PRO B 301 -4.44 2.18 35.81
C PRO B 301 -4.17 2.60 37.24
N TYR B 302 -3.11 2.03 37.84
CA TYR B 302 -2.63 2.45 39.15
C TYR B 302 -1.12 2.69 39.03
N LEU B 303 -0.69 3.93 39.27
CA LEU B 303 0.69 4.36 39.07
C LEU B 303 1.24 4.92 40.38
N PRO B 304 1.59 4.06 41.34
CA PRO B 304 2.03 4.55 42.65
C PRO B 304 3.44 5.14 42.66
N LYS B 305 4.38 4.47 42.01
CA LYS B 305 5.78 4.86 42.12
C LYS B 305 6.09 6.02 41.19
N ASP B 306 7.28 6.60 41.41
CA ASP B 306 7.81 7.71 40.61
C ASP B 306 8.53 7.12 39.42
N ILE B 307 7.92 7.20 38.25
CA ILE B 307 8.46 6.58 37.05
C ILE B 307 9.62 7.35 36.44
N PRO B 308 9.51 8.68 36.28
CA PRO B 308 10.59 9.42 35.61
C PRO B 308 11.96 9.23 36.22
N LYS B 309 12.07 9.32 37.54
CA LYS B 309 13.39 9.13 38.13
C LYS B 309 13.76 7.67 38.29
N LEU B 310 12.78 6.77 38.26
CA LEU B 310 13.06 5.34 38.14
C LEU B 310 13.79 5.04 36.84
N VAL B 311 13.45 5.77 35.76
CA VAL B 311 14.12 5.57 34.49
C VAL B 311 15.52 6.16 34.52
N SER B 312 15.64 7.42 34.98
CA SER B 312 16.94 8.08 34.96
C SER B 312 17.93 7.44 35.91
N THR B 313 17.45 6.70 36.92
CA THR B 313 18.36 6.00 37.82
C THR B 313 19.03 4.80 37.15
N ASN B 314 18.46 4.28 36.05
CA ASN B 314 19.00 3.12 35.39
C ASN B 314 19.32 3.31 33.92
N ILE B 315 18.89 4.42 33.31
CA ILE B 315 19.00 4.57 31.86
C ILE B 315 20.47 4.63 31.43
N ARG B 316 21.35 5.12 32.30
CA ARG B 316 22.75 5.22 31.95
C ARG B 316 23.40 3.84 31.81
N SER B 317 23.18 2.97 32.79
CA SER B 317 23.78 1.64 32.75
C SER B 317 23.19 0.80 31.63
N ILE B 318 21.89 0.96 31.36
CA ILE B 318 21.24 0.16 30.33
C ILE B 318 21.74 0.54 28.95
N LEU B 319 21.79 1.84 28.66
CA LEU B 319 22.24 2.28 27.34
C LEU B 319 23.73 2.02 27.14
N GLU B 320 24.52 2.08 28.22
CA GLU B 320 25.94 1.78 28.10
C GLU B 320 26.17 0.31 27.79
N ASP B 321 25.41 -0.58 28.44
CA ASP B 321 25.52 -2.01 28.15
C ASP B 321 25.09 -2.32 26.72
N ALA B 322 24.08 -1.60 26.21
CA ALA B 322 23.63 -1.82 24.85
C ALA B 322 24.60 -1.27 23.82
N LEU B 323 25.27 -0.16 24.12
CA LEU B 323 26.23 0.47 23.22
C LEU B 323 27.62 -0.15 23.31
N ALA B 324 27.78 -1.21 24.09
CA ALA B 324 29.11 -1.77 24.33
C ALA B 324 29.81 -2.26 23.07
N PRO B 325 29.20 -3.09 22.20
CA PRO B 325 29.92 -3.56 21.02
C PRO B 325 30.08 -2.53 19.92
N THR B 326 29.48 -1.34 20.06
CA THR B 326 29.61 -0.31 19.04
C THR B 326 30.86 0.54 19.18
N GLY B 327 31.47 0.55 20.37
CA GLY B 327 32.59 1.42 20.64
C GLY B 327 32.22 2.88 20.85
N VAL B 328 30.94 3.24 20.70
CA VAL B 328 30.53 4.63 20.84
C VAL B 328 30.67 5.06 22.30
N GLN B 329 31.36 6.17 22.52
CA GLN B 329 31.49 6.79 23.83
C GLN B 329 30.67 8.06 23.95
N ASP B 330 30.76 8.94 22.96
CA ASP B 330 29.98 10.17 22.94
C ASP B 330 28.50 9.84 22.79
N TRP B 331 27.71 10.12 23.83
CA TRP B 331 26.28 9.87 23.77
C TRP B 331 25.55 10.83 22.87
N ASN B 332 26.21 11.90 22.41
CA ASN B 332 25.67 12.76 21.37
C ASN B 332 25.98 12.25 19.97
N SER B 333 26.73 11.16 19.85
CA SER B 333 27.11 10.58 18.58
C SER B 333 26.11 9.56 18.06
N ILE B 334 24.93 9.46 18.68
CA ILE B 334 23.91 8.49 18.29
C ILE B 334 22.56 9.21 18.20
N PHE B 335 21.66 8.63 17.41
CA PHE B 335 20.30 9.15 17.34
C PHE B 335 19.42 8.45 18.37
N TRP B 336 18.25 9.04 18.62
CA TRP B 336 17.50 8.71 19.83
C TRP B 336 16.02 8.51 19.53
N ILE B 337 15.45 7.49 20.17
CA ILE B 337 14.01 7.26 20.21
C ILE B 337 13.67 6.84 21.65
N ILE B 338 13.04 7.74 22.40
CA ILE B 338 12.61 7.45 23.76
C ILE B 338 11.10 7.55 23.81
N HIS B 339 10.46 6.53 24.38
CA HIS B 339 9.02 6.53 24.51
C HIS B 339 8.59 7.68 25.42
N PRO B 340 7.82 8.64 24.91
CA PRO B 340 7.42 9.80 25.73
C PRO B 340 6.18 9.50 26.57
N GLY B 341 6.30 8.50 27.45
CA GLY B 341 5.23 8.21 28.39
C GLY B 341 4.66 9.45 29.05
N MET B 342 5.54 10.30 29.59
CA MET B 342 5.27 11.67 30.03
C MET B 342 6.52 12.50 29.78
N PRO B 343 6.36 13.79 29.45
CA PRO B 343 7.53 14.60 29.05
C PRO B 343 8.61 14.77 30.11
N ALA B 344 8.36 14.37 31.36
CA ALA B 344 9.34 14.59 32.42
C ALA B 344 10.60 13.76 32.19
N ILE B 345 10.44 12.53 31.72
CA ILE B 345 11.60 11.66 31.50
C ILE B 345 12.48 12.20 30.38
N LEU B 346 11.88 12.79 29.34
CA LEU B 346 12.68 13.36 28.26
C LEU B 346 13.56 14.49 28.77
N ASP B 347 13.05 15.31 29.69
CA ASP B 347 13.85 16.39 30.24
C ASP B 347 14.95 15.85 31.16
N GLN B 348 14.59 14.92 32.04
CA GLN B 348 15.58 14.38 32.99
C GLN B 348 16.69 13.62 32.26
N THR B 349 16.33 12.83 31.24
CA THR B 349 17.33 12.07 30.51
C THR B 349 18.23 12.99 29.70
N GLU B 350 17.65 14.02 29.09
CA GLU B 350 18.43 14.93 28.25
C GLU B 350 19.51 15.65 29.06
N LYS B 351 19.26 15.89 30.35
CA LYS B 351 20.24 16.57 31.19
C LYS B 351 21.24 15.60 31.80
N LEU B 352 20.80 14.42 32.23
CA LEU B 352 21.71 13.47 32.87
C LEU B 352 22.82 13.05 31.92
N LEU B 353 22.47 12.65 30.71
CA LEU B 353 23.48 12.28 29.72
C LEU B 353 24.03 13.50 28.97
N GLN B 354 23.58 14.71 29.32
CA GLN B 354 24.06 15.95 28.71
C GLN B 354 23.88 15.93 27.20
N LEU B 355 22.72 15.47 26.75
CA LEU B 355 22.44 15.41 25.32
C LEU B 355 22.30 16.81 24.75
N ASP B 356 22.60 16.94 23.46
CA ASP B 356 22.26 18.16 22.76
C ASP B 356 20.74 18.29 22.69
N LYS B 357 20.29 19.43 22.18
CA LYS B 357 18.93 19.88 22.39
C LYS B 357 17.98 19.56 21.25
N GLU B 358 18.51 19.17 20.09
CA GLU B 358 17.69 18.66 18.99
C GLU B 358 17.84 17.15 18.82
N LYS B 359 18.45 16.47 19.79
CA LYS B 359 18.53 15.01 19.72
C LYS B 359 17.16 14.37 19.87
N LEU B 360 16.38 14.85 20.84
CA LEU B 360 15.00 14.40 21.05
C LEU B 360 14.00 15.17 20.20
N LYS B 361 14.44 15.73 19.06
CA LYS B 361 13.54 16.50 18.21
C LYS B 361 12.43 15.62 17.65
N ALA B 362 12.79 14.45 17.11
CA ALA B 362 11.78 13.55 16.55
C ALA B 362 10.86 13.01 17.63
N THR B 363 11.41 12.72 18.81
CA THR B 363 10.59 12.22 19.91
C THR B 363 9.59 13.27 20.37
N ARG B 364 10.05 14.50 20.57
CA ARG B 364 9.17 15.56 21.04
C ARG B 364 8.17 15.99 19.96
N HIS B 365 8.49 15.78 18.69
CA HIS B 365 7.52 16.11 17.64
C HIS B 365 6.32 15.19 17.69
N VAL B 366 6.54 13.89 17.91
CA VAL B 366 5.45 12.94 17.95
C VAL B 366 4.59 13.14 19.19
N LEU B 367 5.23 13.38 20.34
CA LEU B 367 4.48 13.64 21.56
C LEU B 367 3.61 14.89 21.41
N SER B 368 4.14 15.93 20.77
CA SER B 368 3.36 17.15 20.57
C SER B 368 2.24 16.94 19.56
N GLU B 369 2.54 16.27 18.45
CA GLU B 369 1.58 16.12 17.37
C GLU B 369 0.59 14.98 17.58
N PHE B 370 0.92 14.01 18.43
CA PHE B 370 0.07 12.82 18.56
C PHE B 370 -0.15 12.34 19.98
N GLY B 371 0.70 12.68 20.94
CA GLY B 371 0.55 12.16 22.28
C GLY B 371 1.14 10.77 22.43
N ASN B 372 0.75 10.12 23.52
CA ASN B 372 1.21 8.77 23.85
C ASN B 372 0.26 7.76 23.22
N MET B 373 0.75 7.01 22.23
CA MET B 373 -0.05 6.02 21.53
C MET B 373 0.38 4.59 21.87
N TRP B 374 0.76 4.36 23.13
CA TRP B 374 1.14 3.04 23.63
C TRP B 374 2.29 2.50 22.79
N SER B 375 2.16 1.32 22.18
CA SER B 375 3.31 0.67 21.54
C SER B 375 3.68 1.34 20.22
N ALA B 376 2.73 1.98 19.55
CA ALA B 376 3.01 2.59 18.25
C ALA B 376 3.85 3.86 18.34
N THR B 377 3.96 4.45 19.54
CA THR B 377 4.60 5.76 19.66
C THR B 377 6.06 5.74 19.20
N VAL B 378 6.83 4.76 19.67
CA VAL B 378 8.24 4.69 19.30
C VAL B 378 8.42 4.42 17.82
N LEU B 379 7.42 3.84 17.16
CA LEU B 379 7.53 3.64 15.72
C LEU B 379 7.16 4.91 14.96
N PHE B 380 6.17 5.66 15.45
CA PHE B 380 5.92 7.01 14.94
C PHE B 380 7.19 7.84 15.00
N ILE B 381 7.90 7.78 16.12
CA ILE B 381 9.12 8.55 16.30
C ILE B 381 10.20 8.09 15.33
N LEU B 382 10.33 6.78 15.14
CA LEU B 382 11.32 6.26 14.20
C LEU B 382 11.01 6.71 12.77
N ASP B 383 9.73 6.84 12.43
CA ASP B 383 9.36 7.36 11.11
C ASP B 383 9.64 8.85 11.02
N GLN B 384 9.29 9.60 12.06
CA GLN B 384 9.58 11.03 12.08
C GLN B 384 11.09 11.28 11.99
N LEU B 385 11.89 10.47 12.71
CA LEU B 385 13.33 10.62 12.64
C LEU B 385 13.85 10.34 11.22
N ARG B 386 13.25 9.35 10.54
CA ARG B 386 13.71 9.01 9.20
C ARG B 386 13.41 10.11 8.21
N LYS B 387 12.17 10.61 8.21
CA LYS B 387 11.75 11.60 7.22
C LYS B 387 12.40 12.94 7.46
N GLY B 388 12.56 13.33 8.74
CA GLY B 388 13.30 14.54 9.03
C GLY B 388 14.76 14.44 8.60
N ALA B 389 15.36 13.26 8.77
CA ALA B 389 16.76 13.09 8.38
C ALA B 389 16.96 13.15 6.88
N VAL B 390 15.92 12.88 6.09
CA VAL B 390 16.02 13.01 4.64
C VAL B 390 15.56 14.39 4.19
N ALA B 391 14.53 14.94 4.83
CA ALA B 391 14.03 16.27 4.47
C ALA B 391 15.03 17.37 4.81
N GLU B 392 15.99 17.11 5.69
CA GLU B 392 17.00 18.09 6.07
C GLU B 392 18.36 17.77 5.47
N GLY B 393 18.46 16.77 4.61
CA GLY B 393 19.71 16.43 3.95
C GLY B 393 20.80 15.98 4.90
N LYS B 394 20.47 15.07 5.81
CA LYS B 394 21.45 14.57 6.75
C LYS B 394 22.24 13.41 6.13
N SER B 395 23.33 13.05 6.81
CA SER B 395 24.23 12.05 6.25
C SER B 395 23.63 10.65 6.30
N THR B 396 22.83 10.32 7.30
CA THR B 396 22.30 8.96 7.46
C THR B 396 20.79 9.01 7.69
N THR B 397 20.21 7.82 7.87
CA THR B 397 18.83 7.75 8.35
C THR B 397 18.72 8.16 9.83
N GLY B 398 19.83 8.16 10.56
CA GLY B 398 19.82 8.56 11.94
C GLY B 398 20.37 9.95 12.15
N GLU B 399 19.96 10.89 11.28
CA GLU B 399 20.33 12.30 11.40
C GLU B 399 21.83 12.52 11.29
N GLY B 400 22.53 11.66 10.55
CA GLY B 400 23.96 11.76 10.34
C GLY B 400 24.78 10.72 11.10
N CYS B 401 24.25 10.22 12.22
CA CYS B 401 24.98 9.30 13.08
C CYS B 401 24.80 7.85 12.63
N GLU B 402 25.76 7.01 13.05
CA GLU B 402 25.80 5.62 12.62
C GLU B 402 24.90 4.74 13.49
N TRP B 403 24.98 4.89 14.80
CA TRP B 403 24.25 4.06 15.74
C TRP B 403 23.12 4.85 16.39
N GLY B 404 22.14 4.11 16.92
CA GLY B 404 21.03 4.71 17.64
C GLY B 404 20.42 3.73 18.60
N VAL B 405 19.67 4.26 19.57
CA VAL B 405 19.07 3.46 20.62
C VAL B 405 17.57 3.76 20.68
N LEU B 406 16.76 2.71 20.59
CA LEU B 406 15.33 2.81 20.81
C LEU B 406 15.01 2.33 22.22
N PHE B 407 14.21 3.10 22.95
CA PHE B 407 14.04 2.91 24.39
C PHE B 407 12.58 3.11 24.75
N SER B 408 11.92 2.04 25.19
CA SER B 408 10.54 2.10 25.65
C SER B 408 10.40 1.39 26.99
N PHE B 409 9.27 1.61 27.66
CA PHE B 409 9.12 1.12 29.02
C PHE B 409 7.63 1.00 29.35
N GLY B 410 7.33 0.17 30.34
CA GLY B 410 5.97 -0.07 30.75
C GLY B 410 5.85 -0.94 31.99
N PRO B 411 4.73 -1.66 32.11
CA PRO B 411 4.46 -2.44 33.32
C PRO B 411 5.54 -3.49 33.57
N GLY B 412 6.05 -3.49 34.81
CA GLY B 412 7.12 -4.40 35.18
C GLY B 412 7.78 -4.08 36.51
N PHE B 413 8.59 -3.04 36.58
CA PHE B 413 8.82 -2.10 35.49
C PHE B 413 9.71 -2.65 34.37
N THR B 414 9.12 -2.82 33.20
CA THR B 414 9.77 -3.43 32.06
C THR B 414 10.32 -2.34 31.14
N VAL B 415 11.55 -2.56 30.65
CA VAL B 415 12.17 -1.65 29.70
C VAL B 415 12.70 -2.47 28.53
N GLU B 416 12.39 -2.04 27.31
CA GLU B 416 12.87 -2.66 26.10
C GLU B 416 13.88 -1.73 25.44
N THR B 417 15.04 -2.29 25.08
CA THR B 417 16.13 -1.53 24.48
C THR B 417 16.53 -2.19 23.18
N VAL B 418 16.58 -1.40 22.11
CA VAL B 418 16.96 -1.89 20.79
C VAL B 418 18.12 -1.03 20.28
N LEU B 419 19.20 -1.69 19.87
CA LEU B 419 20.33 -1.01 19.26
C LEU B 419 20.10 -0.94 17.76
N LEU B 420 20.03 0.28 17.23
CA LEU B 420 19.74 0.52 15.83
C LEU B 420 20.98 1.03 15.11
N ARG B 421 21.20 0.53 13.90
CA ARG B 421 22.24 1.04 13.01
C ARG B 421 21.57 1.63 11.78
N SER B 422 21.97 2.85 11.43
CA SER B 422 21.33 3.61 10.36
C SER B 422 21.83 3.14 8.99
N VAL B 423 21.35 3.80 7.93
CA VAL B 423 21.75 3.48 6.57
C VAL B 423 22.20 4.74 5.87
N ALA B 424 22.93 4.57 4.77
CA ALA B 424 23.39 5.69 3.97
C ALA B 424 22.24 6.24 3.15
N THR B 425 22.02 7.55 3.23
CA THR B 425 20.95 8.21 2.50
C THR B 425 21.30 8.40 1.03
#